data_7VIF
#
_entry.id   7VIF
#
_cell.length_a   1.00
_cell.length_b   1.00
_cell.length_c   1.00
_cell.angle_alpha   90.00
_cell.angle_beta   90.00
_cell.angle_gamma   90.00
#
_symmetry.space_group_name_H-M   'P 1'
#
loop_
_entity.id
_entity.type
_entity.pdbx_description
1 polymer 'Guanine nucleotide-binding protein G(I)/G(S)/G(T) subunit beta-1'
2 polymer 'Guanine nucleotide-binding protein G(I)/G(S)/G(O) subunit gamma-2'
3 polymer scFv16
4 polymer 'Sphingosine 1-phosphate receptor 1'
5 polymer 'Guanine nucleotide-binding protein G(i) subunit alpha-1'
6 non-polymer (2~{S})-2-azanyl-4-(4-octylphenyl)-2-[[oxidanyl-bis(oxidanylidene)-$l^{6}-phosphanyl]oxymethyl]butan-1-ol
#
loop_
_entity_poly.entity_id
_entity_poly.type
_entity_poly.pdbx_seq_one_letter_code
_entity_poly.pdbx_strand_id
1 'polypeptide(L)'
;HHHHHHLEVLFQGPGSSGSELDQLRQEAEQLKNQIRDARKACADATLSQITNNIDPVGRIQMRTRRTLRGHLAKIYAMHW
GTDSRLLVSASQDGKLIIWDSYTTNKVHAIPLRSSWVMTCAYAPSGNYVACGGLDNICSIYNLKTREGNVRVSRELAGHT
GYLSCCRFLDDNQIVTSSGDTTCALWDIETGQQTTTFTGHTGDVMSLSLAPDTRLFVSGACDASAKLWDVREGMCRQTFT
GHESDINAICFFPNGNAFATGSDDATCRLFDLRADQELMTYSHDNIICGITSVSFSKSGRLLLAGYDDFNCNVWDALKAD
RAGVLAGHDNRVSCLGVTDDGMAVATGSWDSFLKIWN
;
A
2 'polypeptide(L)' MASNNTASIAQARKLVEQLKMEANIDRIKVSKAAADLMAYCEAHAKEDPLLTPVPASENPFREKKFFCAIL C
3 'polypeptide(L)'
;DVQLVESGGGLVQPGGSRKLSCSASGFAFSSFGMHWVRQAPEKGLEWVAYISSGSGTIYYADTVKGRFTISRDDPKNTLF
LQMTSLRSEDTAMYYCVRSIYYYGSSPFDFWGQGTTLTVSSGGGGSGGGGSGGGGSDIVMTQATSSVPVTPGESVSISCR
SSKSLLHSNGNTYLYWFLQRPGQSPQLLIYRMSNLASGVPDRFSGSGSGTAFTLTISRLEAEDVGVYYCMQHLEYPLTFG
AGTKLELKAAA
;
E
4 'polypeptide(L)'
;MGPTSVPLVKAHRSSVSDYVNYDIIVRHYNYTGKLNISADKENSIKLTSVVFILICCFIILENIFVLLTIWKTKKFHRPM
YYFIGNLALSDLLAGVAYTANLLLSGATTYKLTPAQWFLREGSMFVALSASVFSLLAIAIERYITMLKMKLHNGSNNFRL
FLLISACWVISLILGGLPIMGWNCISALSSCSTVLPLYHKHYILFCTTVFTLLLLSIVILYCRIYSLVRTRSRRLTFRKN
ISKASRSSEKSLALLKTVIIVLSVFIACWAPLFILLLLDVGCKVKTCDILFRAEYFLVLAVLNSGTNPIIYTLTNKEMRR
AFIRIMSCCKCPSGDSAGKFKRPIIAGMEFSRSKSDNSSHPQKDEGDNPETIMSSGNVNSSSLEHHHHHHHHHH
;
F
5 'polypeptide(L)'
;MGCTLSAEDKAAVERSKMIDRNLREDGEKAAREVKLLLLGAGESGKSTIVKQMKIIHEAGYSEEECKQYKAVVYSNTIQS
IIAIIRAMGRLKIDFGDSARADDARQLFVLAGAAEEGFMTAELAGVIKRLWKDSGVQACFNRSREYQLNDSAAYYLNDLD
RIAQPNYIPTQQDVLRTRVKTTGIVETHFTFKDLHFKMFDVGGQRSERKKWIHCFEGVTAIIFCVALSDYDLVLAEDEEM
NRMHESMKLFDSICNNKWFTDTSIILFLNKKDLFEEKIKKSPLTICYPEYAGSNTYEEAAAYIQCQFEDLNKRKDTKEIY
THFTCATDTKNVQFVFDAVTDVIIKNNLKDCGLF
;
D
#
loop_
_chem_comp.id
_chem_comp.type
_chem_comp.name
_chem_comp.formula
J89 non-polymer (2~{S})-2-azanyl-4-(4-octylphenyl)-2-[[oxidanyl-bis(oxidanylidene)-$l^{6}-phosphanyl]oxymethyl]butan-1-ol 'C19 H34 N O5 P'
#
# COMPACT_ATOMS: atom_id res chain seq x y z
N GLU A 20 36.38 -42.39 11.24
CA GLU A 20 34.97 -42.63 11.48
C GLU A 20 34.12 -41.62 10.74
N LEU A 21 34.55 -40.35 10.73
CA LEU A 21 33.83 -39.31 10.01
C LEU A 21 33.84 -39.59 8.51
N ASP A 22 34.98 -40.02 7.97
CA ASP A 22 35.05 -40.37 6.55
C ASP A 22 34.16 -41.56 6.23
N GLN A 23 34.12 -42.55 7.13
CA GLN A 23 33.24 -43.70 6.93
C GLN A 23 31.78 -43.27 6.94
N LEU A 24 31.41 -42.36 7.84
CA LEU A 24 30.03 -41.86 7.86
C LEU A 24 29.71 -41.09 6.58
N ARG A 25 30.65 -40.29 6.09
CA ARG A 25 30.42 -39.55 4.86
C ARG A 25 30.26 -40.49 3.66
N GLN A 26 31.09 -41.54 3.60
CA GLN A 26 30.95 -42.48 2.49
C GLN A 26 29.67 -43.29 2.59
N GLU A 27 29.23 -43.61 3.82
CA GLU A 27 27.92 -44.24 4.00
C GLU A 27 26.80 -43.32 3.52
N ALA A 28 26.91 -42.03 3.84
CA ALA A 28 25.90 -41.07 3.41
C ALA A 28 25.85 -40.96 1.89
N GLU A 29 27.02 -40.91 1.24
CA GLU A 29 27.02 -40.80 -0.21
C GLU A 29 26.53 -42.08 -0.87
N GLN A 30 26.85 -43.25 -0.29
CA GLN A 30 26.30 -44.49 -0.80
C GLN A 30 24.78 -44.53 -0.66
N LEU A 31 24.26 -44.02 0.47
CA LEU A 31 22.82 -43.96 0.66
C LEU A 31 22.18 -43.00 -0.33
N LYS A 32 22.83 -41.87 -0.61
CA LYS A 32 22.31 -40.94 -1.61
C LYS A 32 22.29 -41.57 -3.00
N ASN A 33 23.34 -42.33 -3.34
CA ASN A 33 23.35 -43.05 -4.61
C ASN A 33 22.23 -44.07 -4.66
N GLN A 34 21.97 -44.75 -3.54
CA GLN A 34 20.87 -45.71 -3.49
C GLN A 34 19.53 -45.01 -3.68
N ILE A 35 19.36 -43.83 -3.10
CA ILE A 35 18.13 -43.05 -3.32
C ILE A 35 17.97 -42.70 -4.79
N ARG A 36 19.06 -42.25 -5.41
CA ARG A 36 18.99 -41.89 -6.83
C ARG A 36 18.64 -43.10 -7.68
N ASP A 37 19.25 -44.25 -7.38
CA ASP A 37 18.96 -45.46 -8.16
C ASP A 37 17.53 -45.93 -7.96
N ALA A 38 17.03 -45.85 -6.73
CA ALA A 38 15.65 -46.25 -6.47
C ALA A 38 14.66 -45.32 -7.17
N ARG A 39 14.95 -44.02 -7.19
CA ARG A 39 14.09 -43.08 -7.89
C ARG A 39 14.14 -43.31 -9.40
N LYS A 40 15.32 -43.62 -9.94
CA LYS A 40 15.44 -43.90 -11.36
C LYS A 40 14.71 -45.19 -11.74
N ALA A 41 14.74 -46.19 -10.85
CA ALA A 41 14.06 -47.45 -11.13
C ALA A 41 12.55 -47.25 -11.27
N CYS A 42 11.97 -46.44 -10.41
CA CYS A 42 10.53 -46.14 -10.48
C CYS A 42 10.25 -44.92 -11.34
N ALA A 43 10.81 -44.91 -12.56
CA ALA A 43 10.61 -43.82 -13.52
C ALA A 43 10.68 -44.42 -14.91
N ASP A 44 9.50 -44.75 -15.46
CA ASP A 44 9.40 -45.37 -16.78
C ASP A 44 8.78 -44.46 -17.82
N ALA A 45 7.86 -43.58 -17.45
CA ALA A 45 7.25 -42.64 -18.38
C ALA A 45 7.09 -41.30 -17.69
N THR A 46 7.51 -40.24 -18.38
CA THR A 46 7.46 -38.90 -17.82
C THR A 46 6.03 -38.35 -17.86
N LEU A 47 5.80 -37.28 -17.10
CA LEU A 47 4.51 -36.61 -17.14
C LEU A 47 4.23 -36.02 -18.52
N SER A 48 5.28 -35.59 -19.22
CA SER A 48 5.10 -35.08 -20.58
C SER A 48 4.62 -36.14 -21.54
N GLN A 49 4.83 -37.42 -21.22
CA GLN A 49 4.39 -38.52 -22.07
C GLN A 49 3.01 -39.01 -21.69
N ILE A 50 2.70 -39.06 -20.38
CA ILE A 50 1.36 -39.44 -19.96
C ILE A 50 0.34 -38.38 -20.39
N THR A 51 0.65 -37.11 -20.12
CA THR A 51 -0.22 -36.01 -20.53
C THR A 51 0.29 -35.42 -21.84
N ASN A 52 0.14 -36.22 -22.89
CA ASN A 52 0.54 -35.81 -24.23
C ASN A 52 -0.64 -35.61 -25.17
N ASN A 53 -1.64 -36.48 -25.12
CA ASN A 53 -2.80 -36.39 -25.99
C ASN A 53 -3.97 -35.64 -25.35
N ILE A 54 -3.82 -35.17 -24.12
CA ILE A 54 -4.92 -34.46 -23.48
C ILE A 54 -5.11 -33.09 -24.13
N ASP A 55 -6.32 -32.58 -24.01
CA ASP A 55 -6.65 -31.30 -24.63
C ASP A 55 -5.91 -30.16 -23.92
N PRO A 56 -5.27 -29.26 -24.65
CA PRO A 56 -4.63 -28.11 -24.00
C PRO A 56 -5.65 -27.20 -23.33
N VAL A 57 -5.21 -26.53 -22.27
CA VAL A 57 -6.09 -25.60 -21.55
C VAL A 57 -6.51 -24.45 -22.46
N GLY A 58 -5.58 -23.94 -23.26
CA GLY A 58 -5.83 -22.79 -24.09
C GLY A 58 -5.46 -21.48 -23.41
N ARG A 59 -5.61 -20.40 -24.16
CA ARG A 59 -5.26 -19.08 -23.64
C ARG A 59 -6.21 -18.70 -22.52
N ILE A 60 -5.66 -18.28 -21.38
CA ILE A 60 -6.43 -17.96 -20.19
C ILE A 60 -6.50 -16.45 -20.05
N GLN A 61 -7.70 -15.90 -20.15
CA GLN A 61 -7.92 -14.47 -20.04
C GLN A 61 -8.56 -14.18 -18.69
N MET A 62 -7.76 -13.71 -17.74
CA MET A 62 -8.24 -13.31 -16.42
C MET A 62 -8.13 -11.79 -16.31
N ARG A 63 -9.24 -11.15 -15.97
CA ARG A 63 -9.29 -9.70 -15.82
C ARG A 63 -9.32 -9.32 -14.34
N THR A 64 -8.80 -8.12 -14.08
CA THR A 64 -8.82 -7.56 -12.73
C THR A 64 -10.21 -7.03 -12.41
N ARG A 65 -10.85 -7.63 -11.40
CA ARG A 65 -12.19 -7.26 -11.00
C ARG A 65 -12.22 -6.25 -9.85
N ARG A 66 -11.30 -6.38 -8.90
CA ARG A 66 -11.21 -5.46 -7.77
C ARG A 66 -9.75 -5.07 -7.55
N THR A 67 -9.55 -3.82 -7.13
CA THR A 67 -8.23 -3.33 -6.73
C THR A 67 -8.35 -2.78 -5.32
N LEU A 68 -7.55 -3.33 -4.40
CA LEU A 68 -7.61 -2.95 -2.99
C LEU A 68 -6.52 -1.92 -2.71
N ARG A 69 -6.92 -0.73 -2.31
CA ARG A 69 -6.01 0.36 -2.01
C ARG A 69 -6.14 0.76 -0.56
N GLY A 70 -5.02 1.23 0.01
CA GLY A 70 -4.99 1.63 1.40
C GLY A 70 -3.66 1.31 2.07
N HIS A 71 -2.90 0.40 1.49
CA HIS A 71 -1.55 0.15 1.94
C HIS A 71 -0.62 1.20 1.37
N LEU A 72 0.35 1.64 2.18
CA LEU A 72 1.24 2.71 1.79
C LEU A 72 2.68 2.27 1.56
N ALA A 73 3.04 1.06 1.96
CA ALA A 73 4.34 0.48 1.69
C ALA A 73 4.17 -0.80 0.89
N LYS A 74 5.29 -1.45 0.57
CA LYS A 74 5.25 -2.68 -0.19
C LYS A 74 4.58 -3.79 0.62
N ILE A 75 3.72 -4.54 -0.03
CA ILE A 75 2.92 -5.58 0.61
C ILE A 75 3.67 -6.90 0.48
N TYR A 76 3.83 -7.61 1.60
CA TYR A 76 4.71 -8.77 1.62
C TYR A 76 3.99 -10.11 1.66
N ALA A 77 2.77 -10.16 2.18
CA ALA A 77 2.07 -11.43 2.27
C ALA A 77 0.57 -11.21 2.28
N MET A 78 -0.16 -12.26 1.97
CA MET A 78 -1.62 -12.26 2.08
C MET A 78 -2.12 -13.68 2.27
N HIS A 79 -3.33 -13.79 2.81
CA HIS A 79 -3.99 -15.07 2.96
C HIS A 79 -5.49 -14.85 2.79
N TRP A 80 -6.17 -15.81 2.16
CA TRP A 80 -7.57 -15.63 1.83
C TRP A 80 -8.49 -15.97 3.00
N GLY A 81 -8.49 -17.21 3.44
CA GLY A 81 -9.45 -17.66 4.41
C GLY A 81 -10.51 -18.58 3.80
N THR A 82 -11.11 -19.39 4.67
CA THR A 82 -11.97 -20.46 4.19
C THR A 82 -13.26 -19.94 3.56
N ASP A 83 -13.75 -18.78 4.02
CA ASP A 83 -15.03 -18.29 3.52
C ASP A 83 -14.94 -17.74 2.09
N SER A 84 -13.73 -17.60 1.55
CA SER A 84 -13.47 -17.14 0.19
C SER A 84 -13.96 -15.72 -0.07
N ARG A 85 -14.29 -14.97 0.98
CA ARG A 85 -14.73 -13.59 0.84
C ARG A 85 -13.79 -12.61 1.54
N LEU A 86 -13.45 -12.87 2.80
CA LEU A 86 -12.47 -12.06 3.50
C LEU A 86 -11.07 -12.35 2.98
N LEU A 87 -10.16 -11.42 3.27
CA LEU A 87 -8.73 -11.69 3.05
C LEU A 87 -7.94 -10.78 3.97
N VAL A 88 -6.68 -11.13 4.18
CA VAL A 88 -5.78 -10.37 5.04
C VAL A 88 -4.50 -10.09 4.27
N SER A 89 -3.98 -8.87 4.43
CA SER A 89 -2.74 -8.46 3.77
C SER A 89 -1.85 -7.75 4.77
N ALA A 90 -0.55 -8.04 4.69
CA ALA A 90 0.45 -7.44 5.57
C ALA A 90 1.37 -6.55 4.75
N SER A 91 1.61 -5.34 5.23
CA SER A 91 2.48 -4.41 4.51
C SER A 91 3.54 -3.87 5.45
N GLN A 92 4.63 -3.38 4.85
CA GLN A 92 5.77 -2.86 5.61
C GLN A 92 5.46 -1.54 6.30
N ASP A 93 4.32 -0.92 6.01
CA ASP A 93 3.91 0.28 6.73
C ASP A 93 3.41 -0.02 8.14
N GLY A 94 3.60 -1.24 8.63
CA GLY A 94 3.14 -1.62 9.95
C GLY A 94 1.67 -1.94 10.04
N LYS A 95 1.02 -2.28 8.93
CA LYS A 95 -0.42 -2.50 8.90
C LYS A 95 -0.76 -3.89 8.39
N LEU A 96 -1.69 -4.53 9.11
CA LEU A 96 -2.31 -5.78 8.70
C LEU A 96 -3.78 -5.50 8.46
N ILE A 97 -4.19 -5.43 7.20
CA ILE A 97 -5.53 -5.01 6.83
C ILE A 97 -6.33 -6.23 6.43
N ILE A 98 -7.51 -6.38 7.04
CA ILE A 98 -8.47 -7.41 6.67
C ILE A 98 -9.53 -6.75 5.79
N TRP A 99 -9.57 -7.17 4.53
CA TRP A 99 -10.44 -6.64 3.50
C TRP A 99 -11.63 -7.57 3.25
N ASP A 100 -12.75 -6.96 2.92
CA ASP A 100 -13.89 -7.65 2.32
C ASP A 100 -13.73 -7.56 0.80
N SER A 101 -13.36 -8.68 0.17
CA SER A 101 -12.98 -8.64 -1.24
C SER A 101 -14.16 -8.33 -2.15
N TYR A 102 -15.38 -8.70 -1.74
CA TYR A 102 -16.55 -8.49 -2.59
C TYR A 102 -16.83 -7.00 -2.78
N THR A 103 -16.67 -6.20 -1.72
CA THR A 103 -16.99 -4.79 -1.77
C THR A 103 -15.79 -3.88 -1.56
N THR A 104 -14.58 -4.44 -1.48
CA THR A 104 -13.33 -3.70 -1.23
C THR A 104 -13.37 -2.93 0.08
N ASN A 105 -14.29 -3.26 0.98
CA ASN A 105 -14.36 -2.60 2.27
C ASN A 105 -13.25 -3.11 3.19
N LYS A 106 -12.67 -2.21 3.97
CA LYS A 106 -11.67 -2.57 4.97
C LYS A 106 -12.41 -2.99 6.23
N VAL A 107 -12.49 -4.30 6.46
CA VAL A 107 -13.16 -4.80 7.67
C VAL A 107 -12.34 -4.45 8.91
N HIS A 108 -11.02 -4.63 8.84
CA HIS A 108 -10.16 -4.36 9.99
C HIS A 108 -8.83 -3.78 9.53
N ALA A 109 -8.18 -3.04 10.43
CA ALA A 109 -6.84 -2.51 10.19
C ALA A 109 -6.08 -2.61 11.51
N ILE A 110 -5.17 -3.58 11.59
CA ILE A 110 -4.41 -3.86 12.81
C ILE A 110 -3.08 -3.14 12.69
N PRO A 111 -2.73 -2.24 13.61
CA PRO A 111 -1.39 -1.65 13.65
C PRO A 111 -0.42 -2.60 14.33
N LEU A 112 0.59 -3.05 13.59
CA LEU A 112 1.54 -4.01 14.11
C LEU A 112 2.58 -3.33 14.99
N ARG A 113 3.03 -4.07 16.02
CA ARG A 113 4.08 -3.56 16.89
C ARG A 113 5.38 -3.37 16.14
N SER A 114 5.71 -4.31 15.25
CA SER A 114 6.90 -4.24 14.42
C SER A 114 6.47 -4.05 12.97
N SER A 115 6.98 -2.99 12.34
CA SER A 115 6.62 -2.68 10.96
C SER A 115 7.19 -3.68 9.97
N TRP A 116 8.19 -4.48 10.37
CA TRP A 116 8.88 -5.39 9.47
C TRP A 116 8.17 -6.72 9.48
N VAL A 117 7.10 -6.82 8.69
CA VAL A 117 6.28 -8.03 8.58
C VAL A 117 6.51 -8.63 7.20
N MET A 118 6.71 -9.95 7.16
CA MET A 118 6.93 -10.66 5.91
C MET A 118 6.00 -11.83 5.69
N THR A 119 5.15 -12.16 6.66
CA THR A 119 4.21 -13.25 6.50
C THR A 119 2.94 -12.94 7.28
N CYS A 120 1.84 -13.56 6.86
CA CYS A 120 0.57 -13.42 7.55
C CYS A 120 -0.31 -14.61 7.19
N ALA A 121 -1.09 -15.08 8.16
CA ALA A 121 -2.01 -16.18 7.96
C ALA A 121 -3.34 -15.84 8.59
N TYR A 122 -4.41 -16.37 8.00
CA TYR A 122 -5.77 -16.17 8.49
C TYR A 122 -6.32 -17.52 8.91
N ALA A 123 -6.85 -17.60 10.13
CA ALA A 123 -7.26 -18.88 10.68
C ALA A 123 -8.43 -19.46 9.87
N PRO A 124 -8.50 -20.79 9.76
CA PRO A 124 -9.64 -21.40 9.05
C PRO A 124 -10.98 -21.05 9.65
N SER A 125 -11.06 -20.93 10.98
CA SER A 125 -12.30 -20.51 11.61
C SER A 125 -12.56 -19.03 11.42
N GLY A 126 -11.50 -18.25 11.22
CA GLY A 126 -11.64 -16.81 11.05
C GLY A 126 -11.60 -16.00 12.32
N ASN A 127 -11.46 -16.64 13.48
CA ASN A 127 -11.44 -15.92 14.74
C ASN A 127 -10.08 -15.29 15.05
N TYR A 128 -9.01 -15.77 14.41
CA TYR A 128 -7.66 -15.29 14.69
C TYR A 128 -6.93 -14.99 13.39
N VAL A 129 -5.94 -14.12 13.47
CA VAL A 129 -5.08 -13.80 12.34
C VAL A 129 -3.63 -13.75 12.83
N ALA A 130 -2.71 -14.25 12.01
CA ALA A 130 -1.32 -14.35 12.41
C ALA A 130 -0.44 -13.46 11.52
N CYS A 131 0.67 -13.02 12.08
CA CYS A 131 1.67 -12.30 11.31
C CYS A 131 3.04 -12.51 11.95
N GLY A 132 4.08 -12.12 11.23
CA GLY A 132 5.44 -12.22 11.75
C GLY A 132 6.41 -11.65 10.75
N GLY A 133 7.66 -11.52 11.19
CA GLY A 133 8.68 -10.95 10.35
C GLY A 133 10.06 -10.90 10.95
N LEU A 134 10.73 -9.75 10.80
CA LEU A 134 12.11 -9.60 11.25
C LEU A 134 12.24 -9.56 12.77
N ASP A 135 11.14 -9.45 13.50
CA ASP A 135 11.18 -9.43 14.96
C ASP A 135 11.25 -10.82 15.57
N ASN A 136 11.22 -11.87 14.74
CA ASN A 136 11.36 -13.27 15.16
C ASN A 136 10.20 -13.73 16.05
N ILE A 137 9.09 -12.99 16.03
CA ILE A 137 7.96 -13.28 16.90
C ILE A 137 6.72 -13.44 16.02
N CYS A 138 5.94 -14.50 16.28
CA CYS A 138 4.68 -14.73 15.58
C CYS A 138 3.56 -14.17 16.45
N SER A 139 2.88 -13.14 15.93
CA SER A 139 1.80 -12.48 16.66
C SER A 139 0.47 -13.00 16.17
N ILE A 140 -0.34 -13.50 17.10
CA ILE A 140 -1.71 -13.96 16.83
C ILE A 140 -2.66 -12.95 17.44
N TYR A 141 -3.56 -12.43 16.62
CA TYR A 141 -4.53 -11.41 17.00
C TYR A 141 -5.92 -12.03 17.00
N ASN A 142 -6.70 -11.73 18.04
CA ASN A 142 -8.08 -12.20 18.17
C ASN A 142 -9.00 -11.19 17.50
N LEU A 143 -9.60 -11.60 16.37
CA LEU A 143 -10.51 -10.71 15.66
C LEU A 143 -11.87 -10.61 16.34
N LYS A 144 -12.31 -11.67 17.00
CA LYS A 144 -13.62 -11.72 17.65
C LYS A 144 -13.43 -11.48 19.15
N THR A 145 -13.51 -10.22 19.55
CA THR A 145 -13.39 -9.83 20.94
C THR A 145 -14.67 -9.12 21.38
N ARG A 146 -15.00 -9.28 22.67
CA ARG A 146 -16.17 -8.61 23.21
C ARG A 146 -15.99 -7.11 23.33
N GLU A 147 -14.75 -6.63 23.30
CA GLU A 147 -14.47 -5.20 23.38
C GLU A 147 -14.66 -4.49 22.04
N GLY A 148 -14.80 -5.24 20.95
CA GLY A 148 -15.02 -4.66 19.64
C GLY A 148 -13.76 -4.29 18.88
N ASN A 149 -12.60 -4.41 19.50
CA ASN A 149 -11.33 -4.11 18.85
C ASN A 149 -10.57 -5.41 18.58
N VAL A 150 -9.42 -5.28 17.93
CA VAL A 150 -8.54 -6.42 17.67
C VAL A 150 -7.33 -6.28 18.59
N ARG A 151 -7.10 -7.30 19.40
CA ARG A 151 -6.04 -7.28 20.40
C ARG A 151 -5.06 -8.43 20.15
N VAL A 152 -3.84 -8.25 20.65
CA VAL A 152 -2.81 -9.27 20.50
C VAL A 152 -3.17 -10.45 21.38
N SER A 153 -3.68 -11.52 20.76
CA SER A 153 -4.05 -12.70 21.55
C SER A 153 -2.82 -13.38 22.13
N ARG A 154 -1.75 -13.48 21.35
CA ARG A 154 -0.56 -14.20 21.82
C ARG A 154 0.65 -13.79 21.00
N GLU A 155 1.82 -13.86 21.63
CA GLU A 155 3.10 -13.63 20.95
C GLU A 155 3.97 -14.86 21.17
N LEU A 156 4.33 -15.54 20.08
CA LEU A 156 5.17 -16.73 20.14
C LEU A 156 6.60 -16.36 19.81
N ALA A 157 7.51 -16.67 20.72
CA ALA A 157 8.93 -16.40 20.55
C ALA A 157 9.72 -17.68 20.76
N GLY A 158 10.93 -17.70 20.21
CA GLY A 158 11.76 -18.88 20.27
C GLY A 158 12.56 -19.11 19.01
N HIS A 159 12.07 -18.60 17.89
CA HIS A 159 12.85 -18.62 16.66
C HIS A 159 13.98 -17.61 16.73
N THR A 160 15.17 -18.02 16.33
CA THR A 160 16.34 -17.15 16.33
C THR A 160 16.58 -16.48 14.98
N GLY A 161 15.68 -16.70 14.01
CA GLY A 161 15.76 -16.06 12.72
C GLY A 161 14.42 -15.47 12.33
N TYR A 162 14.44 -14.70 11.25
CA TYR A 162 13.23 -14.02 10.80
C TYR A 162 12.15 -15.04 10.44
N LEU A 163 10.90 -14.70 10.77
CA LEU A 163 9.78 -15.58 10.48
C LEU A 163 9.37 -15.40 9.02
N SER A 164 9.49 -16.45 8.23
CA SER A 164 9.23 -16.37 6.79
C SER A 164 7.85 -16.82 6.41
N CYS A 165 7.23 -17.72 7.17
CA CYS A 165 5.89 -18.21 6.85
C CYS A 165 5.24 -18.71 8.12
N CYS A 166 3.90 -18.76 8.09
CA CYS A 166 3.12 -19.28 9.20
C CYS A 166 1.78 -19.74 8.65
N ARG A 167 1.30 -20.88 9.14
CA ARG A 167 0.03 -21.43 8.71
C ARG A 167 -0.70 -22.04 9.89
N PHE A 168 -2.01 -21.81 9.96
CA PHE A 168 -2.83 -22.31 11.06
C PHE A 168 -3.25 -23.74 10.78
N LEU A 169 -3.00 -24.64 11.76
CA LEU A 169 -3.65 -25.95 11.73
C LEU A 169 -5.08 -25.84 12.23
N ASP A 170 -5.27 -25.16 13.35
CA ASP A 170 -6.58 -24.92 13.94
C ASP A 170 -6.47 -23.67 14.82
N ASP A 171 -7.47 -23.46 15.68
CA ASP A 171 -7.47 -22.29 16.53
C ASP A 171 -6.37 -22.32 17.58
N ASN A 172 -5.80 -23.49 17.86
CA ASN A 172 -4.82 -23.62 18.94
C ASN A 172 -3.44 -24.06 18.49
N GLN A 173 -3.28 -24.64 17.30
CA GLN A 173 -2.00 -25.08 16.80
C GLN A 173 -1.62 -24.28 15.57
N ILE A 174 -0.35 -23.87 15.49
CA ILE A 174 0.14 -23.13 14.34
C ILE A 174 1.53 -23.61 13.96
N VAL A 175 1.78 -23.70 12.66
CA VAL A 175 3.08 -24.12 12.14
C VAL A 175 3.73 -22.92 11.48
N THR A 176 5.01 -22.69 11.79
CA THR A 176 5.75 -21.54 11.32
C THR A 176 7.11 -22.00 10.79
N SER A 177 7.68 -21.22 9.88
CA SER A 177 9.03 -21.46 9.37
C SER A 177 9.87 -20.20 9.60
N SER A 178 11.15 -20.39 9.91
CA SER A 178 11.99 -19.26 10.24
C SER A 178 13.31 -19.34 9.48
N GLY A 179 14.03 -18.22 9.46
CA GLY A 179 15.32 -18.12 8.84
C GLY A 179 16.46 -18.76 9.59
N ASP A 180 16.17 -19.39 10.73
CA ASP A 180 17.16 -20.16 11.47
C ASP A 180 17.18 -21.63 11.07
N THR A 181 16.77 -21.93 9.83
CA THR A 181 16.75 -23.29 9.29
C THR A 181 15.91 -24.21 10.16
N THR A 182 14.72 -23.73 10.55
CA THR A 182 13.90 -24.46 11.50
C THR A 182 12.42 -24.12 11.30
N CYS A 183 11.58 -25.14 11.34
CA CYS A 183 10.15 -24.99 11.43
C CYS A 183 9.70 -25.35 12.84
N ALA A 184 8.53 -24.85 13.23
CA ALA A 184 8.05 -25.05 14.59
C ALA A 184 6.53 -25.17 14.63
N LEU A 185 6.06 -26.14 15.41
CA LEU A 185 4.66 -26.30 15.72
C LEU A 185 4.43 -25.78 17.14
N TRP A 186 3.52 -24.81 17.26
CA TRP A 186 3.25 -24.11 18.51
C TRP A 186 1.82 -24.40 18.97
N ASP A 187 1.67 -24.65 20.26
CA ASP A 187 0.37 -24.63 20.93
C ASP A 187 0.09 -23.21 21.40
N ILE A 188 -0.96 -22.61 20.86
CA ILE A 188 -1.16 -21.17 21.04
C ILE A 188 -1.53 -20.83 22.48
N GLU A 189 -2.44 -21.59 23.07
CA GLU A 189 -2.90 -21.25 24.42
C GLU A 189 -1.76 -21.35 25.43
N THR A 190 -0.90 -22.35 25.29
CA THR A 190 0.27 -22.46 26.15
C THR A 190 1.36 -21.47 25.72
N GLY A 191 1.50 -21.22 24.43
CA GLY A 191 2.54 -20.35 23.93
C GLY A 191 3.90 -20.99 23.77
N GLN A 192 4.02 -22.28 24.04
CA GLN A 192 5.29 -22.99 23.97
C GLN A 192 5.44 -23.68 22.62
N GLN A 193 6.70 -23.87 22.22
CA GLN A 193 7.04 -24.54 20.97
C GLN A 193 6.86 -26.04 21.17
N THR A 194 5.74 -26.57 20.69
CA THR A 194 5.42 -27.98 20.92
C THR A 194 6.41 -28.88 20.18
N THR A 195 6.66 -28.61 18.91
CA THR A 195 7.50 -29.47 18.09
C THR A 195 8.46 -28.63 17.26
N THR A 196 9.68 -29.15 17.07
CA THR A 196 10.68 -28.49 16.25
C THR A 196 11.07 -29.39 15.09
N PHE A 197 10.97 -28.86 13.87
CA PHE A 197 11.33 -29.56 12.65
C PHE A 197 12.67 -28.99 12.17
N THR A 198 13.70 -29.84 12.17
CA THR A 198 15.05 -29.44 11.78
C THR A 198 15.58 -30.43 10.75
N GLY A 199 16.57 -29.98 9.99
CA GLY A 199 17.13 -30.77 8.92
C GLY A 199 17.49 -29.93 7.71
N HIS A 200 16.79 -28.81 7.54
CA HIS A 200 17.15 -27.87 6.49
C HIS A 200 18.48 -27.20 6.82
N THR A 201 19.33 -27.07 5.80
CA THR A 201 20.60 -26.38 5.94
C THR A 201 20.55 -24.93 5.46
N GLY A 202 19.38 -24.46 5.02
CA GLY A 202 19.23 -23.09 4.59
C GLY A 202 17.97 -22.48 5.18
N ASP A 203 17.85 -21.17 5.04
CA ASP A 203 16.71 -20.46 5.59
C ASP A 203 15.43 -20.94 4.93
N VAL A 204 14.50 -21.42 5.76
CA VAL A 204 13.21 -21.90 5.26
C VAL A 204 12.36 -20.69 4.90
N MET A 205 11.98 -20.59 3.62
CA MET A 205 11.30 -19.40 3.13
C MET A 205 9.79 -19.53 3.04
N SER A 206 9.27 -20.74 2.85
CA SER A 206 7.83 -20.92 2.75
C SER A 206 7.47 -22.36 3.13
N LEU A 207 6.24 -22.52 3.62
CA LEU A 207 5.70 -23.83 3.93
C LEU A 207 4.26 -23.90 3.43
N SER A 208 3.81 -25.12 3.15
CA SER A 208 2.44 -25.37 2.73
C SER A 208 1.89 -26.54 3.54
N LEU A 209 0.62 -26.45 3.91
CA LEU A 209 -0.03 -27.50 4.69
C LEU A 209 -0.84 -28.41 3.77
N ALA A 210 -0.83 -29.70 4.08
CA ALA A 210 -1.61 -30.66 3.32
C ALA A 210 -3.10 -30.45 3.60
N PRO A 211 -3.97 -30.85 2.67
CA PRO A 211 -5.41 -30.68 2.91
C PRO A 211 -5.92 -31.37 4.16
N ASP A 212 -5.35 -32.51 4.53
CA ASP A 212 -5.73 -33.21 5.75
C ASP A 212 -5.00 -32.68 6.99
N THR A 213 -4.11 -31.71 6.82
CA THR A 213 -3.34 -31.10 7.91
C THR A 213 -2.60 -32.16 8.72
N ARG A 214 -2.07 -33.17 8.02
CA ARG A 214 -1.29 -34.22 8.64
C ARG A 214 0.19 -34.16 8.26
N LEU A 215 0.51 -33.65 7.07
CA LEU A 215 1.89 -33.48 6.64
C LEU A 215 2.04 -32.05 6.12
N PHE A 216 3.29 -31.60 6.01
CA PHE A 216 3.50 -30.29 5.39
C PHE A 216 4.89 -30.24 4.77
N VAL A 217 4.99 -29.53 3.65
CA VAL A 217 6.24 -29.39 2.91
C VAL A 217 6.83 -28.02 3.21
N SER A 218 8.15 -27.98 3.37
CA SER A 218 8.88 -26.74 3.63
C SER A 218 10.03 -26.62 2.64
N GLY A 219 10.13 -25.46 2.00
CA GLY A 219 11.22 -25.16 1.08
C GLY A 219 12.17 -24.16 1.71
N ALA A 220 13.46 -24.40 1.57
CA ALA A 220 14.49 -23.58 2.17
C ALA A 220 15.45 -23.06 1.10
N CYS A 221 16.51 -22.39 1.57
CA CYS A 221 17.49 -21.80 0.68
C CYS A 221 18.55 -22.79 0.23
N ASP A 222 18.51 -24.03 0.70
CA ASP A 222 19.45 -25.06 0.27
C ASP A 222 19.00 -25.77 -1.00
N ALA A 223 18.08 -25.17 -1.75
CA ALA A 223 17.57 -25.73 -3.01
C ALA A 223 16.94 -27.10 -2.79
N SER A 224 16.33 -27.31 -1.63
CA SER A 224 15.68 -28.58 -1.31
C SER A 224 14.36 -28.31 -0.62
N ALA A 225 13.45 -29.28 -0.75
CA ALA A 225 12.16 -29.25 -0.07
C ALA A 225 12.04 -30.50 0.78
N LYS A 226 11.42 -30.37 1.95
CA LYS A 226 11.31 -31.48 2.89
C LYS A 226 9.85 -31.68 3.30
N LEU A 227 9.44 -32.94 3.37
CA LEU A 227 8.11 -33.31 3.83
C LEU A 227 8.19 -33.73 5.28
N TRP A 228 7.45 -33.05 6.15
CA TRP A 228 7.45 -33.29 7.58
C TRP A 228 6.10 -33.84 8.01
N ASP A 229 6.14 -34.84 8.89
CA ASP A 229 4.93 -35.37 9.52
C ASP A 229 4.64 -34.54 10.76
N VAL A 230 3.45 -33.95 10.82
CA VAL A 230 3.10 -33.06 11.92
C VAL A 230 3.06 -33.83 13.23
N ARG A 231 2.43 -35.00 13.23
CA ARG A 231 2.25 -35.76 14.47
C ARG A 231 3.58 -36.34 14.95
N GLU A 232 4.33 -36.97 14.04
CA GLU A 232 5.58 -37.62 14.44
C GLU A 232 6.70 -36.60 14.65
N GLY A 233 6.70 -35.53 13.87
CA GLY A 233 7.72 -34.50 14.01
C GLY A 233 9.02 -34.78 13.28
N MET A 234 9.04 -35.76 12.38
CA MET A 234 10.25 -36.13 11.65
C MET A 234 10.03 -35.98 10.15
N CYS A 235 11.13 -35.76 9.42
CA CYS A 235 11.06 -35.55 7.99
C CYS A 235 10.83 -36.87 7.27
N ARG A 236 9.88 -36.86 6.33
CA ARG A 236 9.56 -38.06 5.55
C ARG A 236 10.43 -38.20 4.32
N GLN A 237 10.39 -37.21 3.42
CA GLN A 237 11.10 -37.27 2.15
C GLN A 237 11.78 -35.94 1.88
N THR A 238 12.84 -35.99 1.08
CA THR A 238 13.57 -34.81 0.66
C THR A 238 13.64 -34.78 -0.86
N PHE A 239 13.31 -33.63 -1.44
CA PHE A 239 13.28 -33.44 -2.88
C PHE A 239 14.27 -32.36 -3.27
N THR A 240 15.22 -32.72 -4.14
CA THR A 240 16.29 -31.82 -4.55
C THR A 240 16.33 -31.76 -6.07
N GLY A 241 15.66 -30.77 -6.64
CA GLY A 241 15.70 -30.58 -8.08
C GLY A 241 16.08 -29.18 -8.49
N HIS A 242 15.92 -28.22 -7.57
CA HIS A 242 16.16 -26.83 -7.89
C HIS A 242 17.65 -26.51 -7.81
N GLU A 243 18.03 -25.35 -8.37
CA GLU A 243 19.41 -24.91 -8.39
C GLU A 243 19.63 -23.62 -7.61
N SER A 244 18.62 -23.13 -6.90
CA SER A 244 18.74 -21.90 -6.14
C SER A 244 17.75 -21.94 -4.98
N ASP A 245 17.60 -20.80 -4.31
CA ASP A 245 16.75 -20.73 -3.12
C ASP A 245 15.29 -20.89 -3.49
N ILE A 246 14.59 -21.79 -2.81
CA ILE A 246 13.17 -22.01 -3.03
C ILE A 246 12.39 -21.00 -2.21
N ASN A 247 11.61 -20.16 -2.89
CA ASN A 247 10.89 -19.07 -2.24
C ASN A 247 9.43 -19.40 -1.96
N ALA A 248 8.84 -20.37 -2.66
CA ALA A 248 7.43 -20.68 -2.52
C ALA A 248 7.21 -22.18 -2.62
N ILE A 249 6.10 -22.63 -2.04
CA ILE A 249 5.72 -24.04 -2.07
C ILE A 249 4.22 -24.13 -1.89
N CYS A 250 3.60 -25.15 -2.48
CA CYS A 250 2.15 -25.31 -2.43
C CYS A 250 1.79 -26.73 -2.82
N PHE A 251 0.98 -27.38 -1.99
CA PHE A 251 0.48 -28.71 -2.30
C PHE A 251 -0.47 -28.70 -3.49
N PHE A 252 -0.54 -29.84 -4.17
CA PHE A 252 -1.60 -30.11 -5.10
C PHE A 252 -2.93 -30.23 -4.33
N PRO A 253 -4.06 -29.92 -4.97
CA PRO A 253 -5.33 -30.02 -4.25
C PRO A 253 -5.61 -31.38 -3.63
N ASN A 254 -5.14 -32.47 -4.22
CA ASN A 254 -5.36 -33.78 -3.63
C ASN A 254 -4.33 -34.15 -2.58
N GLY A 255 -3.30 -33.33 -2.39
CA GLY A 255 -2.30 -33.57 -1.36
C GLY A 255 -1.29 -34.63 -1.68
N ASN A 256 -1.24 -35.13 -2.91
CA ASN A 256 -0.28 -36.14 -3.32
C ASN A 256 0.88 -35.57 -4.11
N ALA A 257 0.95 -34.25 -4.26
CA ALA A 257 2.02 -33.61 -5.01
C ALA A 257 2.10 -32.15 -4.55
N PHE A 258 3.17 -31.49 -4.97
CA PHE A 258 3.37 -30.09 -4.61
C PHE A 258 4.25 -29.43 -5.66
N ALA A 259 4.25 -28.09 -5.65
CA ALA A 259 5.00 -27.30 -6.59
C ALA A 259 5.89 -26.30 -5.84
N THR A 260 7.11 -26.12 -6.34
CA THR A 260 8.08 -25.24 -5.71
C THR A 260 8.58 -24.24 -6.73
N GLY A 261 8.57 -22.96 -6.38
CA GLY A 261 9.17 -21.90 -7.18
C GLY A 261 10.44 -21.43 -6.50
N SER A 262 11.46 -21.15 -7.31
CA SER A 262 12.78 -20.80 -6.79
C SER A 262 13.34 -19.62 -7.56
N ASP A 263 14.57 -19.24 -7.22
CA ASP A 263 15.21 -18.07 -7.81
C ASP A 263 15.84 -18.35 -9.17
N ASP A 264 15.93 -19.61 -9.59
CA ASP A 264 16.50 -19.94 -10.89
C ASP A 264 15.49 -19.81 -12.03
N ALA A 265 14.40 -19.07 -11.81
CA ALA A 265 13.40 -18.78 -12.83
C ALA A 265 12.69 -20.05 -13.31
N THR A 266 12.63 -21.08 -12.46
CA THR A 266 11.95 -22.32 -12.79
C THR A 266 11.02 -22.71 -11.66
N CYS A 267 9.87 -23.26 -12.02
CA CYS A 267 8.99 -23.94 -11.08
C CYS A 267 9.12 -25.44 -11.29
N ARG A 268 8.84 -26.21 -10.25
CA ARG A 268 8.99 -27.66 -10.34
C ARG A 268 7.88 -28.34 -9.59
N LEU A 269 7.21 -29.27 -10.28
CA LEU A 269 6.17 -30.10 -9.69
C LEU A 269 6.79 -31.43 -9.29
N PHE A 270 6.81 -31.68 -7.98
CA PHE A 270 7.21 -32.95 -7.40
C PHE A 270 5.97 -33.67 -6.88
N ASP A 271 6.09 -34.98 -6.68
CA ASP A 271 5.03 -35.77 -6.08
C ASP A 271 5.58 -36.61 -4.94
N LEU A 272 4.75 -36.79 -3.91
CA LEU A 272 5.21 -37.42 -2.67
C LEU A 272 5.35 -38.93 -2.81
N ARG A 273 4.48 -39.57 -3.59
CA ARG A 273 4.36 -41.02 -3.54
C ARG A 273 5.31 -41.70 -4.52
N ALA A 274 5.82 -40.97 -5.52
CA ALA A 274 6.89 -41.52 -6.34
C ALA A 274 8.27 -41.02 -5.89
N ASP A 275 8.29 -39.92 -5.13
CA ASP A 275 9.46 -39.39 -4.42
C ASP A 275 10.48 -38.68 -5.29
N GLN A 276 10.13 -38.23 -6.49
CA GLN A 276 11.06 -37.41 -7.28
C GLN A 276 10.27 -36.46 -8.16
N GLU A 277 11.03 -35.64 -8.91
CA GLU A 277 10.45 -34.58 -9.71
C GLU A 277 9.57 -35.14 -10.83
N LEU A 278 8.43 -34.49 -11.06
CA LEU A 278 7.56 -34.83 -12.17
C LEU A 278 7.72 -33.87 -13.35
N MET A 279 7.63 -32.57 -13.11
CA MET A 279 7.58 -31.63 -14.22
C MET A 279 8.35 -30.37 -13.88
N THR A 280 8.84 -29.69 -14.93
CA THR A 280 9.53 -28.42 -14.81
C THR A 280 8.79 -27.38 -15.64
N TYR A 281 8.55 -26.21 -15.05
CA TYR A 281 7.84 -25.09 -15.68
C TYR A 281 8.83 -23.94 -15.80
N SER A 282 9.41 -23.78 -16.98
CA SER A 282 10.38 -22.72 -17.22
C SER A 282 10.31 -22.30 -18.68
N HIS A 283 10.66 -21.03 -18.93
CA HIS A 283 10.70 -20.49 -20.27
C HIS A 283 11.98 -19.69 -20.45
N ASP A 284 12.46 -19.63 -21.69
CA ASP A 284 13.73 -18.96 -21.96
C ASP A 284 13.63 -17.45 -21.71
N ASN A 285 12.45 -16.88 -21.92
CA ASN A 285 12.25 -15.44 -21.75
C ASN A 285 12.05 -15.03 -20.29
N ILE A 286 12.20 -15.95 -19.34
CA ILE A 286 12.07 -15.66 -17.92
C ILE A 286 13.43 -15.89 -17.26
N ILE A 287 13.95 -14.85 -16.62
CA ILE A 287 15.25 -14.94 -15.95
C ILE A 287 15.05 -14.66 -14.46
N CYS A 288 14.02 -13.89 -14.13
CA CYS A 288 13.76 -13.52 -12.75
C CYS A 288 13.18 -14.68 -11.96
N GLY A 289 13.38 -14.63 -10.64
CA GLY A 289 12.91 -15.70 -9.77
C GLY A 289 11.43 -15.63 -9.50
N ILE A 290 10.93 -16.66 -8.82
CA ILE A 290 9.53 -16.79 -8.47
C ILE A 290 9.34 -16.45 -7.00
N THR A 291 8.39 -15.57 -6.71
CA THR A 291 8.13 -15.17 -5.34
C THR A 291 7.00 -15.94 -4.68
N SER A 292 6.02 -16.40 -5.45
CA SER A 292 4.87 -17.09 -4.88
C SER A 292 4.21 -17.97 -5.93
N VAL A 293 3.79 -19.17 -5.50
CA VAL A 293 3.06 -20.09 -6.36
C VAL A 293 1.81 -20.57 -5.62
N SER A 294 0.81 -20.97 -6.39
CA SER A 294 -0.36 -21.65 -5.84
C SER A 294 -1.03 -22.41 -6.96
N PHE A 295 -1.87 -23.36 -6.58
CA PHE A 295 -2.59 -24.22 -7.52
C PHE A 295 -4.04 -23.79 -7.63
N SER A 296 -4.63 -24.06 -8.78
CA SER A 296 -6.04 -23.84 -8.98
C SER A 296 -6.84 -24.87 -8.17
N LYS A 297 -8.17 -24.71 -8.18
CA LYS A 297 -9.03 -25.60 -7.40
C LYS A 297 -8.90 -27.04 -7.89
N SER A 298 -8.88 -27.25 -9.20
CA SER A 298 -8.69 -28.57 -9.77
C SER A 298 -7.22 -28.95 -9.92
N GLY A 299 -6.31 -28.01 -9.69
CA GLY A 299 -4.89 -28.28 -9.83
C GLY A 299 -4.37 -28.23 -11.26
N ARG A 300 -5.23 -27.95 -12.23
CA ARG A 300 -4.81 -27.94 -13.62
C ARG A 300 -3.97 -26.71 -13.96
N LEU A 301 -4.22 -25.59 -13.29
CA LEU A 301 -3.51 -24.35 -13.54
C LEU A 301 -2.60 -24.03 -12.36
N LEU A 302 -1.35 -23.68 -12.64
CA LEU A 302 -0.40 -23.27 -11.63
C LEU A 302 -0.07 -21.79 -11.84
N LEU A 303 -0.37 -20.97 -10.85
CA LEU A 303 -0.14 -19.53 -10.93
C LEU A 303 1.12 -19.18 -10.15
N ALA A 304 2.06 -18.51 -10.81
CA ALA A 304 3.34 -18.17 -10.22
C ALA A 304 3.63 -16.69 -10.45
N GLY A 305 3.93 -15.98 -9.36
CA GLY A 305 4.32 -14.59 -9.46
C GLY A 305 5.83 -14.46 -9.57
N TYR A 306 6.27 -13.52 -10.40
CA TYR A 306 7.67 -13.35 -10.72
C TYR A 306 8.15 -11.97 -10.32
N ASP A 307 9.46 -11.75 -10.43
CA ASP A 307 10.07 -10.46 -10.16
C ASP A 307 9.95 -9.49 -11.32
N ASP A 308 9.53 -9.97 -12.50
CA ASP A 308 9.35 -9.10 -13.67
C ASP A 308 8.03 -8.35 -13.66
N PHE A 309 7.41 -8.24 -12.48
CA PHE A 309 6.18 -7.50 -12.19
C PHE A 309 4.95 -8.26 -12.68
N ASN A 310 5.11 -9.43 -13.28
CA ASN A 310 4.02 -10.16 -13.92
C ASN A 310 3.65 -11.40 -13.09
N CYS A 311 2.68 -12.14 -13.60
CA CYS A 311 2.23 -13.38 -12.98
C CYS A 311 1.85 -14.34 -14.09
N ASN A 312 2.56 -15.45 -14.19
CA ASN A 312 2.29 -16.43 -15.23
C ASN A 312 1.35 -17.52 -14.73
N VAL A 313 0.57 -18.06 -15.66
CA VAL A 313 -0.34 -19.17 -15.41
C VAL A 313 0.08 -20.29 -16.34
N TRP A 314 0.58 -21.38 -15.76
CA TRP A 314 1.08 -22.54 -16.49
C TRP A 314 0.06 -23.66 -16.46
N ASP A 315 0.07 -24.47 -17.50
CA ASP A 315 -0.67 -25.73 -17.49
C ASP A 315 0.12 -26.74 -16.68
N ALA A 316 -0.43 -27.15 -15.53
CA ALA A 316 0.29 -28.05 -14.64
C ALA A 316 0.51 -29.42 -15.28
N LEU A 317 -0.36 -29.80 -16.21
CA LEU A 317 -0.27 -31.12 -16.82
C LEU A 317 0.55 -31.14 -18.10
N LYS A 318 0.56 -30.03 -18.85
CA LYS A 318 1.26 -29.96 -20.13
C LYS A 318 2.53 -29.13 -20.07
N ALA A 319 2.77 -28.40 -18.99
CA ALA A 319 3.92 -27.53 -18.76
C ALA A 319 3.96 -26.34 -19.71
N ASP A 320 2.97 -26.16 -20.58
CA ASP A 320 2.92 -25.01 -21.45
C ASP A 320 2.28 -23.84 -20.73
N ARG A 321 2.84 -22.65 -20.93
CA ARG A 321 2.28 -21.46 -20.31
C ARG A 321 0.92 -21.14 -20.91
N ALA A 322 -0.06 -20.88 -20.06
CA ALA A 322 -1.42 -20.63 -20.51
C ALA A 322 -1.82 -19.15 -20.48
N GLY A 323 -1.24 -18.36 -19.59
CA GLY A 323 -1.63 -16.97 -19.52
C GLY A 323 -0.65 -16.13 -18.74
N VAL A 324 -0.89 -14.83 -18.75
CA VAL A 324 -0.07 -13.87 -18.02
C VAL A 324 -0.99 -12.88 -17.31
N LEU A 325 -0.72 -12.64 -16.03
CA LEU A 325 -1.45 -11.66 -15.23
C LEU A 325 -0.52 -10.46 -15.02
N ALA A 326 -0.54 -9.52 -15.95
CA ALA A 326 0.33 -8.35 -15.94
C ALA A 326 -0.52 -7.13 -15.62
N GLY A 327 -0.59 -6.79 -14.33
CA GLY A 327 -1.33 -5.62 -13.91
C GLY A 327 -0.67 -4.84 -12.78
N HIS A 328 0.49 -5.29 -12.34
CA HIS A 328 1.18 -4.70 -11.20
C HIS A 328 2.41 -3.93 -11.67
N ASP A 329 2.70 -2.82 -11.00
CA ASP A 329 3.83 -1.96 -11.35
C ASP A 329 5.09 -2.29 -10.58
N ASN A 330 5.06 -3.32 -9.72
CA ASN A 330 6.24 -3.71 -8.96
C ASN A 330 6.19 -5.22 -8.73
N ARG A 331 7.19 -5.73 -8.03
CA ARG A 331 7.35 -7.16 -7.81
C ARG A 331 6.12 -7.75 -7.13
N VAL A 332 5.55 -8.79 -7.74
CA VAL A 332 4.41 -9.50 -7.16
C VAL A 332 4.93 -10.35 -6.01
N SER A 333 4.67 -9.92 -4.79
CA SER A 333 5.25 -10.55 -3.62
C SER A 333 4.40 -11.69 -3.07
N CYS A 334 3.07 -11.58 -3.12
CA CYS A 334 2.19 -12.59 -2.56
C CYS A 334 1.10 -12.93 -3.56
N LEU A 335 0.61 -14.16 -3.49
CA LEU A 335 -0.37 -14.63 -4.46
C LEU A 335 -1.15 -15.77 -3.84
N GLY A 336 -2.46 -15.75 -3.98
CA GLY A 336 -3.30 -16.76 -3.35
C GLY A 336 -4.55 -17.03 -4.16
N VAL A 337 -5.12 -18.21 -3.95
CA VAL A 337 -6.34 -18.64 -4.64
C VAL A 337 -7.37 -19.03 -3.60
N THR A 338 -8.62 -18.61 -3.83
CA THR A 338 -9.69 -18.88 -2.88
C THR A 338 -9.96 -20.38 -2.78
N ASP A 339 -10.60 -20.77 -1.68
CA ASP A 339 -10.92 -22.17 -1.46
C ASP A 339 -11.89 -22.69 -2.52
N ASP A 340 -12.87 -21.87 -2.91
CA ASP A 340 -13.77 -22.26 -4.00
C ASP A 340 -13.19 -21.98 -5.37
N GLY A 341 -12.01 -21.38 -5.46
CA GLY A 341 -11.34 -21.18 -6.73
C GLY A 341 -11.94 -20.11 -7.61
N MET A 342 -12.84 -19.29 -7.08
CA MET A 342 -13.54 -18.32 -7.92
C MET A 342 -12.61 -17.25 -8.44
N ALA A 343 -11.67 -16.78 -7.62
CA ALA A 343 -10.80 -15.69 -7.99
C ALA A 343 -9.40 -15.94 -7.44
N VAL A 344 -8.42 -15.26 -8.04
CA VAL A 344 -7.03 -15.33 -7.59
C VAL A 344 -6.57 -13.91 -7.26
N ALA A 345 -6.00 -13.73 -6.07
CA ALA A 345 -5.57 -12.42 -5.60
C ALA A 345 -4.05 -12.32 -5.58
N THR A 346 -3.54 -11.25 -6.18
CA THR A 346 -2.10 -11.01 -6.22
C THR A 346 -1.79 -9.66 -5.58
N GLY A 347 -0.85 -9.67 -4.65
CA GLY A 347 -0.37 -8.44 -4.02
C GLY A 347 1.09 -8.22 -4.34
N SER A 348 1.44 -6.99 -4.70
CA SER A 348 2.77 -6.67 -5.19
C SER A 348 3.38 -5.58 -4.30
N TRP A 349 4.59 -5.17 -4.67
CA TRP A 349 5.34 -4.18 -3.91
C TRP A 349 4.87 -2.76 -4.16
N ASP A 350 3.96 -2.54 -5.10
CA ASP A 350 3.42 -1.22 -5.37
C ASP A 350 2.26 -0.86 -4.45
N SER A 351 2.11 -1.58 -3.33
CA SER A 351 1.11 -1.29 -2.31
C SER A 351 -0.33 -1.49 -2.82
N PHE A 352 -0.55 -2.49 -3.66
CA PHE A 352 -1.88 -2.77 -4.16
C PHE A 352 -2.11 -4.27 -4.24
N LEU A 353 -3.31 -4.70 -3.89
CA LEU A 353 -3.79 -6.04 -4.20
C LEU A 353 -4.77 -5.98 -5.34
N LYS A 354 -4.80 -7.02 -6.16
CA LYS A 354 -5.72 -7.12 -7.27
C LYS A 354 -6.36 -8.50 -7.30
N ILE A 355 -7.68 -8.51 -7.44
CA ILE A 355 -8.46 -9.74 -7.60
C ILE A 355 -8.63 -10.00 -9.08
N TRP A 356 -8.45 -11.24 -9.51
CA TRP A 356 -8.51 -11.61 -10.91
C TRP A 356 -9.50 -12.76 -11.09
N ASN A 357 -10.30 -12.66 -12.15
CA ASN A 357 -11.25 -13.71 -12.50
C ASN A 357 -11.14 -14.09 -13.96
N THR B 6 32.59 -34.60 19.73
CA THR B 6 32.32 -35.22 18.43
C THR B 6 30.99 -34.76 17.87
N ALA B 7 30.81 -33.44 17.77
CA ALA B 7 29.58 -32.89 17.21
C ALA B 7 29.45 -33.24 15.72
N SER B 8 30.55 -33.16 14.98
CA SER B 8 30.51 -33.50 13.55
C SER B 8 30.17 -34.98 13.35
N ILE B 9 30.74 -35.85 14.18
CA ILE B 9 30.45 -37.28 14.07
C ILE B 9 28.97 -37.54 14.38
N ALA B 10 28.45 -36.89 15.41
CA ALA B 10 27.03 -37.05 15.74
C ALA B 10 26.13 -36.56 14.62
N GLN B 11 26.46 -35.41 14.02
CA GLN B 11 25.67 -34.88 12.91
C GLN B 11 25.72 -35.82 11.71
N ALA B 12 26.90 -36.34 11.39
CA ALA B 12 27.03 -37.27 10.27
C ALA B 12 26.23 -38.54 10.52
N ARG B 13 26.28 -39.07 11.75
CA ARG B 13 25.49 -40.24 12.08
C ARG B 13 24.00 -39.95 11.95
N LYS B 14 23.55 -38.81 12.46
CA LYS B 14 22.14 -38.46 12.38
C LYS B 14 21.70 -38.36 10.92
N LEU B 15 22.53 -37.76 10.07
CA LEU B 15 22.25 -37.75 8.64
C LEU B 15 22.20 -39.17 8.07
N VAL B 16 23.04 -40.08 8.61
CA VAL B 16 23.04 -41.45 8.12
C VAL B 16 21.71 -42.14 8.42
N GLU B 17 21.22 -42.04 9.66
CA GLU B 17 19.91 -42.66 9.92
C GLU B 17 18.78 -41.91 9.21
N GLN B 18 18.91 -40.60 8.99
CA GLN B 18 17.89 -39.90 8.22
C GLN B 18 17.82 -40.44 6.79
N LEU B 19 18.98 -40.64 6.16
CA LEU B 19 19.01 -41.20 4.81
C LEU B 19 18.50 -42.64 4.79
N LYS B 20 18.83 -43.41 5.83
CA LYS B 20 18.32 -44.79 5.91
C LYS B 20 16.80 -44.78 6.01
N MET B 21 16.23 -43.89 6.83
CA MET B 21 14.79 -43.79 6.94
C MET B 21 14.15 -43.35 5.62
N GLU B 22 14.79 -42.41 4.94
CA GLU B 22 14.30 -42.00 3.62
C GLU B 22 14.53 -43.07 2.56
N ALA B 23 15.32 -44.10 2.84
CA ALA B 23 15.62 -45.16 1.90
C ALA B 23 14.76 -46.40 2.10
N ASN B 24 13.76 -46.34 2.97
CA ASN B 24 12.92 -47.49 3.28
C ASN B 24 11.44 -47.19 3.06
N ILE B 25 11.12 -46.46 2.00
CA ILE B 25 9.74 -46.16 1.66
C ILE B 25 9.41 -46.84 0.33
N ASP B 26 8.11 -46.94 0.05
CA ASP B 26 7.62 -47.56 -1.18
C ASP B 26 7.35 -46.48 -2.22
N ARG B 27 7.98 -46.61 -3.38
CA ARG B 27 7.85 -45.66 -4.47
C ARG B 27 7.14 -46.32 -5.63
N ILE B 28 6.07 -45.67 -6.12
CA ILE B 28 5.33 -46.16 -7.27
C ILE B 28 5.99 -45.63 -8.55
N LYS B 29 5.61 -46.19 -9.69
CA LYS B 29 6.13 -45.72 -10.96
C LYS B 29 5.66 -44.30 -11.23
N VAL B 30 6.46 -43.55 -11.98
CA VAL B 30 6.10 -42.18 -12.33
C VAL B 30 4.85 -42.16 -13.19
N SER B 31 4.68 -43.17 -14.06
CA SER B 31 3.49 -43.23 -14.90
C SER B 31 2.23 -43.34 -14.06
N LYS B 32 2.27 -44.16 -13.00
CA LYS B 32 1.09 -44.33 -12.15
C LYS B 32 0.69 -43.02 -11.47
N ALA B 33 1.66 -42.32 -10.89
CA ALA B 33 1.36 -41.05 -10.24
C ALA B 33 0.93 -39.98 -11.24
N ALA B 34 1.55 -39.97 -12.42
CA ALA B 34 1.12 -39.04 -13.46
C ALA B 34 -0.32 -39.28 -13.85
N ALA B 35 -0.69 -40.57 -14.01
CA ALA B 35 -2.09 -40.90 -14.30
C ALA B 35 -2.99 -40.49 -13.15
N ASP B 36 -2.53 -40.62 -11.91
CA ASP B 36 -3.35 -40.23 -10.77
C ASP B 36 -3.64 -38.74 -10.78
N LEU B 37 -2.61 -37.91 -10.96
CA LEU B 37 -2.83 -36.47 -11.02
C LEU B 37 -3.66 -36.08 -12.24
N MET B 38 -3.43 -36.73 -13.38
CA MET B 38 -4.22 -36.43 -14.57
C MET B 38 -5.68 -36.75 -14.34
N ALA B 39 -5.97 -37.90 -13.71
CA ALA B 39 -7.35 -38.27 -13.41
C ALA B 39 -7.99 -37.30 -12.42
N TYR B 40 -7.22 -36.86 -11.42
CA TYR B 40 -7.76 -35.88 -10.48
C TYR B 40 -8.08 -34.57 -11.18
N CYS B 41 -7.21 -34.12 -12.08
CA CYS B 41 -7.48 -32.89 -12.82
C CYS B 41 -8.69 -33.04 -13.72
N GLU B 42 -8.84 -34.19 -14.36
CA GLU B 42 -9.98 -34.41 -15.25
C GLU B 42 -11.29 -34.48 -14.47
N ALA B 43 -11.27 -35.13 -13.31
CA ALA B 43 -12.49 -35.29 -12.53
C ALA B 43 -13.01 -33.95 -12.01
N HIS B 44 -12.11 -33.08 -11.58
CA HIS B 44 -12.49 -31.81 -10.95
C HIS B 44 -12.45 -30.64 -11.92
N ALA B 45 -12.36 -30.91 -13.22
CA ALA B 45 -12.31 -29.83 -14.20
C ALA B 45 -13.60 -29.03 -14.22
N LYS B 46 -14.75 -29.71 -14.09
CA LYS B 46 -16.03 -29.02 -14.15
C LYS B 46 -16.25 -28.11 -12.95
N GLU B 47 -15.66 -28.43 -11.80
CA GLU B 47 -15.80 -27.62 -10.61
C GLU B 47 -14.78 -26.49 -10.53
N ASP B 48 -13.95 -26.31 -11.56
CA ASP B 48 -12.93 -25.28 -11.54
C ASP B 48 -13.41 -24.07 -12.32
N PRO B 49 -13.69 -22.93 -11.67
CA PRO B 49 -14.14 -21.76 -12.41
C PRO B 49 -13.01 -20.97 -13.07
N LEU B 50 -11.76 -21.21 -12.69
CA LEU B 50 -10.65 -20.55 -13.37
C LEU B 50 -10.35 -21.19 -14.72
N LEU B 51 -10.54 -22.51 -14.85
CA LEU B 51 -10.37 -23.16 -16.14
C LEU B 51 -11.42 -22.69 -17.13
N THR B 52 -12.70 -22.90 -16.81
CA THR B 52 -13.79 -22.46 -17.65
C THR B 52 -14.38 -21.19 -17.07
N PRO B 53 -14.28 -20.04 -17.75
CA PRO B 53 -14.82 -18.79 -17.20
C PRO B 53 -16.29 -18.90 -16.87
N VAL B 54 -16.62 -18.73 -15.60
CA VAL B 54 -18.00 -18.84 -15.13
C VAL B 54 -18.81 -17.66 -15.66
N PRO B 55 -20.10 -17.84 -15.97
CA PRO B 55 -20.90 -16.71 -16.45
C PRO B 55 -21.02 -15.59 -15.42
N ALA B 56 -21.32 -14.39 -15.92
CA ALA B 56 -21.37 -13.20 -15.08
C ALA B 56 -22.42 -13.29 -13.98
N SER B 57 -23.43 -14.14 -14.14
CA SER B 57 -24.50 -14.22 -13.15
C SER B 57 -24.09 -15.01 -11.91
N GLU B 58 -22.95 -15.70 -11.93
CA GLU B 58 -22.55 -16.55 -10.82
C GLU B 58 -21.37 -15.99 -10.02
N ASN B 59 -20.36 -15.43 -10.67
CA ASN B 59 -19.21 -14.93 -9.95
C ASN B 59 -19.57 -13.66 -9.20
N PRO B 60 -19.10 -13.49 -7.96
CA PRO B 60 -19.47 -12.30 -7.16
C PRO B 60 -18.67 -11.06 -7.49
N PHE B 61 -17.72 -11.12 -8.41
CA PHE B 61 -16.85 -10.00 -8.69
C PHE B 61 -17.25 -9.21 -9.94
N ARG B 62 -18.39 -9.54 -10.55
CA ARG B 62 -18.93 -8.71 -11.62
C ARG B 62 -20.19 -7.99 -11.15
N ASP C 1 -16.54 -6.72 32.50
CA ASP C 1 -16.92 -6.85 31.10
C ASP C 1 -17.47 -5.54 30.55
N VAL C 2 -18.11 -5.61 29.39
CA VAL C 2 -18.72 -4.42 28.79
C VAL C 2 -19.98 -4.07 29.58
N GLN C 3 -20.18 -2.78 29.82
CA GLN C 3 -21.34 -2.37 30.60
C GLN C 3 -21.68 -0.91 30.29
N LEU C 4 -22.98 -0.65 30.20
CA LEU C 4 -23.54 0.66 29.90
C LEU C 4 -24.43 1.09 31.04
N VAL C 5 -24.30 2.33 31.48
CA VAL C 5 -25.13 2.89 32.54
C VAL C 5 -25.86 4.11 32.00
N GLU C 6 -27.18 4.10 32.10
CA GLU C 6 -28.01 5.24 31.72
C GLU C 6 -28.39 6.04 32.95
N SER C 7 -28.29 7.37 32.84
CA SER C 7 -28.64 8.25 33.94
C SER C 7 -29.26 9.52 33.37
N GLY C 8 -30.03 10.20 34.21
CA GLY C 8 -30.69 11.43 33.82
C GLY C 8 -32.19 11.33 33.64
N GLY C 9 -32.85 10.36 34.24
CA GLY C 9 -34.29 10.21 34.15
C GLY C 9 -35.00 10.62 35.42
N GLY C 10 -36.24 11.07 35.27
CA GLY C 10 -37.02 11.49 36.42
C GLY C 10 -38.29 12.17 35.98
N LEU C 11 -39.02 12.69 36.97
CA LEU C 11 -40.26 13.39 36.70
C LEU C 11 -39.98 14.71 35.99
N VAL C 12 -40.67 14.92 34.86
CA VAL C 12 -40.48 16.11 34.04
C VAL C 12 -41.84 16.70 33.70
N GLN C 13 -41.97 18.01 33.83
CA GLN C 13 -43.17 18.68 33.39
C GLN C 13 -43.25 18.68 31.86
N PRO C 14 -44.46 18.64 31.29
CA PRO C 14 -44.59 18.65 29.83
C PRO C 14 -44.00 19.93 29.23
N GLY C 15 -43.41 19.78 28.06
CA GLY C 15 -42.80 20.90 27.37
C GLY C 15 -41.42 21.30 27.87
N GLY C 16 -40.88 20.58 28.84
CA GLY C 16 -39.57 20.91 29.38
C GLY C 16 -38.45 20.31 28.56
N SER C 17 -37.28 20.21 29.19
CA SER C 17 -36.10 19.63 28.58
C SER C 17 -35.44 18.69 29.58
N ARG C 18 -34.70 17.71 29.05
CA ARG C 18 -34.02 16.75 29.90
C ARG C 18 -32.79 16.24 29.16
N LYS C 19 -31.78 15.84 29.93
CA LYS C 19 -30.50 15.38 29.40
C LYS C 19 -30.24 13.97 29.93
N LEU C 20 -30.03 13.02 29.02
CA LEU C 20 -29.72 11.65 29.36
C LEU C 20 -28.30 11.32 28.95
N SER C 21 -27.54 10.70 29.86
CA SER C 21 -26.15 10.35 29.64
C SER C 21 -25.99 8.84 29.83
N CYS C 22 -25.39 8.19 28.83
CA CYS C 22 -25.07 6.77 28.88
C CYS C 22 -23.55 6.65 28.92
N SER C 23 -23.04 6.15 30.04
CA SER C 23 -21.61 5.96 30.26
C SER C 23 -21.23 4.52 29.92
N ALA C 24 -20.17 4.38 29.13
CA ALA C 24 -19.75 3.09 28.60
C ALA C 24 -18.42 2.67 29.23
N SER C 25 -18.26 1.38 29.48
CA SER C 25 -16.97 0.87 29.89
C SER C 25 -16.81 -0.56 29.42
N GLY C 26 -15.55 -0.98 29.27
CA GLY C 26 -15.24 -2.34 28.88
C GLY C 26 -15.12 -2.58 27.40
N PHE C 27 -15.35 -1.58 26.55
CA PHE C 27 -15.25 -1.76 25.11
C PHE C 27 -14.85 -0.45 24.47
N ALA C 28 -14.43 -0.55 23.20
CA ALA C 28 -14.03 0.62 22.43
C ALA C 28 -15.25 1.43 21.99
N PHE C 29 -15.63 2.42 22.81
CA PHE C 29 -16.84 3.17 22.54
C PHE C 29 -16.75 3.94 21.24
N SER C 30 -15.55 4.41 20.89
CA SER C 30 -15.39 5.26 19.71
C SER C 30 -15.70 4.51 18.43
N SER C 31 -15.49 3.19 18.40
CA SER C 31 -15.67 2.39 17.19
C SER C 31 -17.07 1.78 17.09
N PHE C 32 -17.95 2.06 18.04
CA PHE C 32 -19.30 1.50 18.05
C PHE C 32 -20.31 2.61 17.76
N GLY C 33 -21.23 2.34 16.84
CA GLY C 33 -22.40 3.18 16.73
C GLY C 33 -23.33 2.99 17.93
N MET C 34 -24.12 4.01 18.20
CA MET C 34 -24.96 4.02 19.39
C MET C 34 -26.41 4.30 19.02
N HIS C 35 -27.33 3.58 19.67
CA HIS C 35 -28.75 3.74 19.46
C HIS C 35 -29.42 4.07 20.79
N TRP C 36 -30.41 4.96 20.73
CA TRP C 36 -31.32 5.19 21.84
C TRP C 36 -32.65 4.54 21.47
N VAL C 37 -33.13 3.65 22.35
CA VAL C 37 -34.34 2.87 22.12
C VAL C 37 -35.28 3.07 23.31
N ARG C 38 -36.57 3.19 23.03
CA ARG C 38 -37.57 3.53 24.04
C ARG C 38 -38.58 2.40 24.18
N GLN C 39 -38.95 2.10 25.43
CA GLN C 39 -39.99 1.13 25.74
C GLN C 39 -41.00 1.77 26.69
N ALA C 40 -42.24 1.93 26.21
CA ALA C 40 -43.29 2.49 27.05
C ALA C 40 -43.62 1.50 28.18
N PRO C 41 -44.20 2.00 29.28
CA PRO C 41 -44.44 1.12 30.44
C PRO C 41 -45.14 -0.18 30.12
N GLU C 42 -46.23 -0.15 29.36
CA GLU C 42 -46.97 -1.35 29.01
C GLU C 42 -46.89 -1.69 27.53
N LYS C 43 -45.96 -1.09 26.79
CA LYS C 43 -45.82 -1.32 25.36
C LYS C 43 -44.45 -1.95 25.08
N GLY C 44 -44.17 -2.14 23.79
CA GLY C 44 -42.93 -2.75 23.34
C GLY C 44 -41.85 -1.74 23.05
N LEU C 45 -40.76 -2.24 22.47
CA LEU C 45 -39.62 -1.40 22.14
C LEU C 45 -39.96 -0.43 21.01
N GLU C 46 -39.22 0.68 20.97
CA GLU C 46 -39.41 1.70 19.94
C GLU C 46 -38.09 2.42 19.72
N TRP C 47 -37.51 2.23 18.53
CA TRP C 47 -36.25 2.88 18.21
C TRP C 47 -36.43 4.39 18.16
N VAL C 48 -35.49 5.12 18.76
CA VAL C 48 -35.59 6.58 18.90
C VAL C 48 -34.51 7.28 18.08
N ALA C 49 -33.25 6.96 18.31
CA ALA C 49 -32.18 7.74 17.69
C ALA C 49 -30.95 6.87 17.45
N TYR C 50 -30.07 7.38 16.60
CA TYR C 50 -28.83 6.67 16.27
C TYR C 50 -27.75 7.68 15.88
N ILE C 51 -26.53 7.43 16.36
CA ILE C 51 -25.36 8.19 15.96
C ILE C 51 -24.24 7.21 15.62
N SER C 52 -23.62 7.40 14.47
CA SER C 52 -22.60 6.48 13.99
C SER C 52 -21.28 6.73 14.70
N SER C 53 -20.31 5.84 14.46
CA SER C 53 -18.97 6.05 14.96
C SER C 53 -18.35 7.25 14.27
N GLY C 54 -17.78 8.15 15.06
CA GLY C 54 -17.28 9.40 14.52
C GLY C 54 -18.34 10.44 14.24
N SER C 55 -19.60 10.17 14.60
CA SER C 55 -20.72 11.09 14.42
C SER C 55 -20.94 11.45 12.96
N GLY C 56 -20.54 10.58 12.03
CA GLY C 56 -20.71 10.88 10.62
C GLY C 56 -22.16 10.98 10.21
N THR C 57 -22.98 10.02 10.63
CA THR C 57 -24.39 9.97 10.28
C THR C 57 -25.23 9.92 11.54
N ILE C 58 -26.31 10.70 11.55
CA ILE C 58 -27.22 10.79 12.69
C ILE C 58 -28.64 10.61 12.18
N TYR C 59 -29.41 9.75 12.85
CA TYR C 59 -30.77 9.43 12.45
C TYR C 59 -31.71 9.54 13.63
N TYR C 60 -32.94 9.99 13.37
CA TYR C 60 -33.97 10.11 14.38
C TYR C 60 -35.26 9.48 13.89
N ALA C 61 -36.08 9.05 14.84
CA ALA C 61 -37.44 8.62 14.53
C ALA C 61 -38.31 9.83 14.22
N ASP C 62 -39.35 9.61 13.42
CA ASP C 62 -40.23 10.70 13.03
C ASP C 62 -40.99 11.30 14.21
N THR C 63 -41.25 10.51 15.26
CA THR C 63 -42.00 11.03 16.39
C THR C 63 -41.13 11.89 17.29
N VAL C 64 -39.81 11.78 17.16
CA VAL C 64 -38.88 12.54 17.99
C VAL C 64 -37.97 13.44 17.16
N LYS C 65 -38.13 13.46 15.84
CA LYS C 65 -37.25 14.27 15.00
C LYS C 65 -37.49 15.75 15.27
N GLY C 66 -36.41 16.50 15.36
CA GLY C 66 -36.47 17.92 15.69
C GLY C 66 -36.36 18.25 17.16
N ARG C 67 -37.16 17.59 17.99
CA ARG C 67 -37.10 17.83 19.43
C ARG C 67 -35.86 17.19 20.06
N PHE C 68 -35.49 16.00 19.64
CA PHE C 68 -34.43 15.23 20.27
C PHE C 68 -33.12 15.43 19.51
N THR C 69 -32.01 15.39 20.25
CA THR C 69 -30.68 15.52 19.66
C THR C 69 -29.77 14.49 20.31
N ILE C 70 -29.17 13.62 19.50
CA ILE C 70 -28.26 12.59 19.97
C ILE C 70 -26.84 13.01 19.63
N SER C 71 -25.93 12.84 20.59
CA SER C 71 -24.53 13.19 20.39
C SER C 71 -23.68 12.22 21.18
N ARG C 72 -22.36 12.28 20.96
CA ARG C 72 -21.44 11.41 21.66
C ARG C 72 -20.14 12.15 21.94
N ASP C 73 -19.56 11.87 23.10
CA ASP C 73 -18.23 12.36 23.47
C ASP C 73 -17.34 11.13 23.62
N ASP C 74 -16.56 10.86 22.58
CA ASP C 74 -15.69 9.69 22.59
C ASP C 74 -14.59 9.75 23.66
N PRO C 75 -13.86 10.86 23.85
CA PRO C 75 -12.81 10.85 24.89
C PRO C 75 -13.33 10.52 26.28
N LYS C 76 -14.54 10.95 26.62
CA LYS C 76 -15.16 10.58 27.89
C LYS C 76 -16.02 9.33 27.76
N ASN C 77 -16.08 8.73 26.57
CA ASN C 77 -16.79 7.46 26.36
C ASN C 77 -18.24 7.56 26.81
N THR C 78 -18.92 8.62 26.40
CA THR C 78 -20.28 8.88 26.86
C THR C 78 -21.18 9.25 25.68
N LEU C 79 -22.48 8.98 25.86
CA LEU C 79 -23.48 9.24 24.84
C LEU C 79 -24.57 10.12 25.43
N PHE C 80 -24.93 11.19 24.73
CA PHE C 80 -25.88 12.17 25.23
C PHE C 80 -27.15 12.17 24.38
N LEU C 81 -28.28 12.32 25.04
CA LEU C 81 -29.58 12.54 24.39
C LEU C 81 -30.22 13.75 25.05
N GLN C 82 -30.36 14.84 24.29
CA GLN C 82 -30.99 16.06 24.77
C GLN C 82 -32.41 16.12 24.22
N MET C 83 -33.39 16.22 25.11
CA MET C 83 -34.80 16.21 24.73
C MET C 83 -35.42 17.55 25.08
N THR C 84 -36.06 18.17 24.09
CA THR C 84 -36.74 19.44 24.27
C THR C 84 -38.21 19.31 23.93
N SER C 85 -39.03 20.12 24.59
CA SER C 85 -40.48 20.11 24.41
C SER C 85 -41.06 18.71 24.63
N LEU C 86 -40.79 18.18 25.82
CA LEU C 86 -41.22 16.83 26.15
C LEU C 86 -42.75 16.74 26.16
N ARG C 87 -43.28 15.68 25.57
CA ARG C 87 -44.70 15.39 25.58
C ARG C 87 -44.98 14.24 26.54
N SER C 88 -46.25 14.06 26.87
CA SER C 88 -46.65 13.01 27.79
C SER C 88 -46.43 11.62 27.22
N GLU C 89 -46.18 11.49 25.91
CA GLU C 89 -45.95 10.20 25.28
C GLU C 89 -44.49 9.77 25.29
N ASP C 90 -43.59 10.60 25.83
CA ASP C 90 -42.18 10.26 25.90
C ASP C 90 -41.79 9.57 27.21
N THR C 91 -42.71 9.40 28.14
CA THR C 91 -42.41 8.69 29.38
C THR C 91 -42.21 7.21 29.08
N ALA C 92 -41.03 6.69 29.40
CA ALA C 92 -40.66 5.33 29.01
C ALA C 92 -39.30 4.98 29.62
N MET C 93 -38.92 3.72 29.46
CA MET C 93 -37.57 3.25 29.76
C MET C 93 -36.70 3.43 28.54
N TYR C 94 -35.58 4.12 28.70
CA TYR C 94 -34.66 4.40 27.61
C TYR C 94 -33.40 3.55 27.77
N TYR C 95 -32.99 2.92 26.67
CA TYR C 95 -31.79 2.09 26.62
C TYR C 95 -30.82 2.66 25.60
N CYS C 96 -29.55 2.68 25.95
CA CYS C 96 -28.47 2.92 25.00
C CYS C 96 -27.91 1.58 24.56
N VAL C 97 -27.81 1.39 23.25
CA VAL C 97 -27.42 0.11 22.66
C VAL C 97 -26.20 0.33 21.79
N ARG C 98 -25.16 -0.47 22.00
CA ARG C 98 -23.99 -0.45 21.14
C ARG C 98 -24.25 -1.31 19.90
N SER C 99 -23.66 -0.89 18.78
CA SER C 99 -23.89 -1.58 17.52
C SER C 99 -22.75 -1.25 16.58
N ILE C 100 -21.93 -2.26 16.26
CA ILE C 100 -20.80 -2.11 15.34
C ILE C 100 -21.20 -2.73 14.02
N TYR C 101 -20.74 -2.13 12.92
CA TYR C 101 -21.16 -2.53 11.57
C TYR C 101 -19.94 -2.84 10.72
N TYR C 102 -19.73 -4.12 10.45
CA TYR C 102 -18.81 -4.59 9.42
C TYR C 102 -19.34 -5.94 8.95
N TYR C 103 -18.63 -6.54 8.00
CA TYR C 103 -19.09 -7.82 7.47
C TYR C 103 -18.94 -8.90 8.54
N GLY C 104 -20.03 -9.60 8.82
CA GLY C 104 -20.02 -10.64 9.83
C GLY C 104 -20.21 -10.15 11.25
N SER C 105 -20.41 -8.85 11.44
CA SER C 105 -20.61 -8.31 12.77
C SER C 105 -22.02 -8.60 13.28
N SER C 106 -22.22 -8.38 14.58
CA SER C 106 -23.52 -8.59 15.23
C SER C 106 -23.98 -7.26 15.81
N PRO C 107 -24.76 -6.48 15.07
CA PRO C 107 -25.29 -5.23 15.60
C PRO C 107 -26.27 -5.48 16.74
N PHE C 108 -26.49 -4.43 17.53
CA PHE C 108 -27.35 -4.49 18.71
C PHE C 108 -26.89 -5.59 19.66
N ASP C 109 -25.58 -5.69 19.85
CA ASP C 109 -25.00 -6.77 20.64
C ASP C 109 -25.32 -6.62 22.12
N PHE C 110 -25.13 -5.41 22.66
CA PHE C 110 -25.26 -5.18 24.08
C PHE C 110 -26.26 -4.05 24.34
N TRP C 111 -27.11 -4.24 25.35
CA TRP C 111 -28.10 -3.26 25.77
C TRP C 111 -27.79 -2.78 27.17
N GLY C 112 -28.02 -1.49 27.41
CA GLY C 112 -27.84 -0.94 28.74
C GLY C 112 -28.98 -1.29 29.67
N GLN C 113 -28.82 -0.90 30.93
CA GLN C 113 -29.85 -1.21 31.93
C GLN C 113 -31.09 -0.35 31.76
N GLY C 114 -30.94 0.85 31.22
CA GLY C 114 -32.09 1.71 30.97
C GLY C 114 -32.35 2.68 32.10
N THR C 115 -32.95 3.82 31.74
CA THR C 115 -33.33 4.83 32.72
C THR C 115 -34.79 5.24 32.47
N THR C 116 -35.49 5.56 33.54
CA THR C 116 -36.92 5.82 33.49
C THR C 116 -37.17 7.32 33.34
N LEU C 117 -37.92 7.70 32.31
CA LEU C 117 -38.39 9.06 32.14
C LEU C 117 -39.90 9.08 32.37
N THR C 118 -40.37 10.04 33.16
CA THR C 118 -41.78 10.16 33.51
C THR C 118 -42.22 11.60 33.26
N VAL C 119 -42.73 11.88 32.06
CA VAL C 119 -43.29 13.19 31.78
C VAL C 119 -44.66 13.29 32.43
N SER C 120 -44.84 14.32 33.27
CA SER C 120 -46.06 14.45 34.04
C SER C 120 -47.25 14.77 33.14
N SER C 121 -48.43 14.81 33.74
CA SER C 121 -49.66 15.11 33.02
C SER C 121 -50.16 16.51 33.37
N GLY C 135 -46.06 6.48 8.59
CA GLY C 135 -46.24 5.73 7.36
C GLY C 135 -44.96 5.59 6.55
N SER C 136 -45.06 4.89 5.42
CA SER C 136 -43.93 4.64 4.52
C SER C 136 -42.77 3.95 5.24
N ASP C 137 -43.08 3.15 6.26
CA ASP C 137 -42.08 2.40 7.00
C ASP C 137 -42.52 0.95 7.14
N ILE C 138 -41.55 0.06 7.30
CA ILE C 138 -41.84 -1.37 7.37
C ILE C 138 -42.55 -1.68 8.67
N VAL C 139 -43.69 -2.35 8.58
CA VAL C 139 -44.47 -2.74 9.75
C VAL C 139 -44.14 -4.19 10.05
N MET C 140 -43.58 -4.45 11.23
CA MET C 140 -43.22 -5.79 11.64
C MET C 140 -44.30 -6.32 12.58
N THR C 141 -44.91 -7.45 12.22
CA THR C 141 -46.11 -7.93 12.89
C THR C 141 -45.82 -9.23 13.61
N GLN C 142 -46.11 -9.26 14.92
CA GLN C 142 -46.11 -10.48 15.72
C GLN C 142 -47.57 -10.71 16.14
N ALA C 143 -48.26 -11.56 15.39
CA ALA C 143 -49.70 -11.69 15.56
C ALA C 143 -50.07 -12.21 16.95
N THR C 144 -49.32 -13.19 17.45
CA THR C 144 -49.64 -13.80 18.73
C THR C 144 -49.09 -12.96 19.86
N SER C 145 -49.96 -12.55 20.79
CA SER C 145 -49.52 -11.75 21.93
C SER C 145 -48.77 -12.59 22.95
N SER C 146 -49.25 -13.79 23.26
CA SER C 146 -48.62 -14.63 24.26
C SER C 146 -49.00 -16.09 24.02
N VAL C 147 -48.11 -16.99 24.45
CA VAL C 147 -48.36 -18.42 24.39
C VAL C 147 -47.99 -19.06 25.72
N PRO C 148 -48.74 -20.05 26.21
CA PRO C 148 -48.31 -20.79 27.39
C PRO C 148 -47.37 -21.93 27.01
N VAL C 149 -46.31 -22.08 27.79
CA VAL C 149 -45.27 -23.06 27.50
C VAL C 149 -44.98 -23.88 28.76
N THR C 150 -44.36 -25.04 28.54
CA THR C 150 -43.94 -25.94 29.59
C THR C 150 -42.45 -26.23 29.43
N PRO C 151 -41.68 -26.22 30.52
CA PRO C 151 -40.24 -26.47 30.40
C PRO C 151 -39.96 -27.83 29.77
N GLY C 152 -38.93 -27.86 28.93
CA GLY C 152 -38.56 -29.07 28.22
C GLY C 152 -39.27 -29.27 26.90
N GLU C 153 -40.22 -28.42 26.54
CA GLU C 153 -40.96 -28.55 25.30
C GLU C 153 -40.35 -27.68 24.22
N SER C 154 -40.95 -27.69 23.03
CA SER C 154 -40.49 -26.92 21.89
C SER C 154 -41.54 -25.89 21.53
N VAL C 155 -41.11 -24.63 21.38
CA VAL C 155 -42.00 -23.53 21.05
C VAL C 155 -41.42 -22.76 19.87
N SER C 156 -42.30 -22.30 19.00
CA SER C 156 -41.92 -21.53 17.82
C SER C 156 -42.62 -20.17 17.86
N ILE C 157 -41.85 -19.11 17.71
CA ILE C 157 -42.37 -17.74 17.71
C ILE C 157 -42.27 -17.22 16.28
N SER C 158 -43.40 -16.80 15.72
CA SER C 158 -43.48 -16.37 14.34
C SER C 158 -43.42 -14.85 14.23
N CYS C 159 -43.02 -14.38 13.05
CA CYS C 159 -42.94 -12.96 12.76
C CYS C 159 -43.24 -12.73 11.29
N ARG C 160 -43.83 -11.58 10.99
CA ARG C 160 -44.22 -11.24 9.63
C ARG C 160 -43.84 -9.80 9.35
N SER C 161 -43.48 -9.52 8.10
CA SER C 161 -43.04 -8.20 7.69
C SER C 161 -43.90 -7.72 6.52
N SER C 162 -44.17 -6.42 6.49
CA SER C 162 -44.94 -5.85 5.39
C SER C 162 -44.11 -5.79 4.11
N LYS C 163 -42.81 -5.58 4.23
CA LYS C 163 -41.90 -5.51 3.09
C LYS C 163 -40.82 -6.56 3.26
N SER C 164 -40.44 -7.19 2.15
CA SER C 164 -39.43 -8.24 2.19
C SER C 164 -38.11 -7.71 2.73
N LEU C 165 -37.53 -8.44 3.69
CA LEU C 165 -36.30 -8.03 4.34
C LEU C 165 -35.06 -8.59 3.68
N LEU C 166 -35.20 -9.33 2.59
CA LEU C 166 -34.07 -9.91 1.89
C LEU C 166 -33.51 -8.92 0.88
N HIS C 167 -32.23 -8.62 0.99
CA HIS C 167 -31.58 -7.64 0.14
C HIS C 167 -30.92 -8.31 -1.05
N SER C 168 -30.44 -7.48 -1.99
CA SER C 168 -29.76 -7.99 -3.18
C SER C 168 -28.43 -8.66 -2.85
N ASN C 169 -27.88 -8.40 -1.67
CA ASN C 169 -26.63 -9.04 -1.26
C ASN C 169 -26.85 -10.37 -0.57
N GLY C 170 -28.10 -10.82 -0.45
CA GLY C 170 -28.41 -12.12 0.13
C GLY C 170 -28.66 -12.10 1.63
N ASN C 171 -28.46 -10.97 2.30
CA ASN C 171 -28.67 -10.88 3.74
C ASN C 171 -30.13 -10.54 4.03
N THR C 172 -30.72 -11.27 4.97
CA THR C 172 -32.06 -11.00 5.46
C THR C 172 -31.94 -10.31 6.81
N TYR C 173 -32.17 -9.00 6.83
CA TYR C 173 -31.89 -8.18 8.01
C TYR C 173 -33.05 -8.32 9.00
N LEU C 174 -33.01 -9.42 9.74
CA LEU C 174 -33.98 -9.69 10.79
C LEU C 174 -33.24 -9.98 12.09
N TYR C 175 -33.69 -9.35 13.17
CA TYR C 175 -33.05 -9.49 14.48
C TYR C 175 -34.08 -9.95 15.51
N TRP C 176 -33.68 -10.87 16.37
CA TRP C 176 -34.52 -11.40 17.43
C TRP C 176 -33.94 -11.01 18.78
N PHE C 177 -34.79 -10.52 19.68
CA PHE C 177 -34.37 -10.13 21.02
C PHE C 177 -35.27 -10.78 22.05
N LEU C 178 -34.72 -11.02 23.23
CA LEU C 178 -35.46 -11.56 24.37
C LEU C 178 -35.29 -10.63 25.55
N GLN C 179 -36.40 -10.26 26.18
CA GLN C 179 -36.40 -9.38 27.34
C GLN C 179 -37.02 -10.15 28.51
N ARG C 180 -36.16 -10.69 29.37
CA ARG C 180 -36.63 -11.36 30.56
C ARG C 180 -37.23 -10.34 31.53
N PRO C 181 -38.16 -10.77 32.38
CA PRO C 181 -38.81 -9.83 33.30
C PRO C 181 -37.80 -9.14 34.20
N GLY C 182 -37.89 -7.81 34.25
CA GLY C 182 -37.00 -7.01 35.07
C GLY C 182 -35.61 -6.79 34.51
N GLN C 183 -35.35 -7.23 33.28
CA GLN C 183 -34.04 -7.09 32.67
C GLN C 183 -34.18 -6.46 31.29
N SER C 184 -33.05 -5.98 30.77
CA SER C 184 -32.99 -5.38 29.45
C SER C 184 -33.08 -6.44 28.37
N PRO C 185 -33.48 -6.05 27.15
CA PRO C 185 -33.52 -7.02 26.04
C PRO C 185 -32.13 -7.58 25.74
N GLN C 186 -32.10 -8.85 25.33
CA GLN C 186 -30.86 -9.56 25.02
C GLN C 186 -30.96 -10.13 23.61
N LEU C 187 -29.94 -9.89 22.80
CA LEU C 187 -29.96 -10.33 21.41
C LEU C 187 -29.79 -11.84 21.32
N LEU C 188 -30.66 -12.48 20.54
CA LEU C 188 -30.59 -13.92 20.29
C LEU C 188 -30.12 -14.23 18.88
N ILE C 189 -30.79 -13.71 17.87
CA ILE C 189 -30.51 -14.01 16.47
C ILE C 189 -30.33 -12.70 15.72
N TYR C 190 -29.28 -12.61 14.90
CA TYR C 190 -29.06 -11.47 14.03
C TYR C 190 -28.96 -11.93 12.59
N ARG C 191 -29.62 -11.17 11.70
CA ARG C 191 -29.73 -11.49 10.28
C ARG C 191 -30.43 -12.83 10.03
N MET C 192 -31.35 -13.19 10.95
CA MET C 192 -32.36 -14.22 10.75
C MET C 192 -31.77 -15.64 10.80
N SER C 193 -30.45 -15.76 10.80
CA SER C 193 -29.86 -17.09 10.86
C SER C 193 -28.80 -17.23 11.92
N ASN C 194 -27.99 -16.19 12.15
CA ASN C 194 -26.83 -16.31 13.01
C ASN C 194 -27.20 -16.22 14.47
N LEU C 195 -26.54 -17.05 15.29
CA LEU C 195 -26.76 -17.09 16.72
C LEU C 195 -25.79 -16.14 17.41
N ALA C 196 -26.32 -15.31 18.31
CA ALA C 196 -25.48 -14.35 19.02
C ALA C 196 -24.55 -15.06 19.99
N SER C 197 -23.44 -14.39 20.30
CA SER C 197 -22.46 -14.94 21.22
C SER C 197 -23.04 -15.10 22.62
N GLY C 198 -22.78 -16.25 23.24
CA GLY C 198 -23.30 -16.54 24.56
C GLY C 198 -24.72 -17.06 24.59
N VAL C 199 -25.35 -17.24 23.44
CA VAL C 199 -26.72 -17.74 23.35
C VAL C 199 -26.68 -19.24 23.17
N PRO C 200 -27.45 -20.01 23.94
CA PRO C 200 -27.47 -21.47 23.76
C PRO C 200 -28.00 -21.84 22.37
N ASP C 201 -27.51 -22.98 21.87
CA ASP C 201 -27.89 -23.44 20.54
C ASP C 201 -29.33 -23.92 20.45
N ARG C 202 -30.10 -23.83 21.53
CA ARG C 202 -31.52 -24.19 21.48
C ARG C 202 -32.28 -23.27 20.53
N PHE C 203 -31.98 -21.98 20.56
CA PHE C 203 -32.64 -21.02 19.69
C PHE C 203 -32.18 -21.20 18.26
N SER C 204 -33.13 -21.26 17.34
CA SER C 204 -32.85 -21.39 15.91
C SER C 204 -33.69 -20.39 15.15
N GLY C 205 -33.06 -19.67 14.23
CA GLY C 205 -33.74 -18.66 13.42
C GLY C 205 -33.84 -19.14 11.98
N SER C 206 -35.02 -18.93 11.38
CA SER C 206 -35.26 -19.31 10.00
C SER C 206 -36.26 -18.34 9.40
N GLY C 207 -36.79 -18.69 8.23
CA GLY C 207 -37.72 -17.85 7.50
C GLY C 207 -37.14 -17.39 6.18
N SER C 208 -37.97 -16.70 5.42
CA SER C 208 -37.59 -16.24 4.09
C SER C 208 -38.57 -15.17 3.63
N GLY C 209 -38.03 -14.12 3.01
CA GLY C 209 -38.86 -13.05 2.48
C GLY C 209 -39.53 -12.21 3.54
N THR C 210 -40.85 -12.35 3.68
CA THR C 210 -41.63 -11.59 4.64
C THR C 210 -42.14 -12.42 5.81
N ALA C 211 -41.88 -13.72 5.83
CA ALA C 211 -42.33 -14.60 6.90
C ALA C 211 -41.12 -15.14 7.65
N PHE C 212 -41.17 -15.05 8.98
CA PHE C 212 -40.06 -15.47 9.82
C PHE C 212 -40.60 -16.25 11.01
N THR C 213 -39.73 -17.08 11.58
CA THR C 213 -40.07 -17.83 12.78
C THR C 213 -38.82 -18.05 13.61
N LEU C 214 -39.00 -18.11 14.92
CA LEU C 214 -37.93 -18.41 15.87
C LEU C 214 -38.32 -19.63 16.67
N THR C 215 -37.53 -20.69 16.59
CA THR C 215 -37.83 -21.96 17.22
C THR C 215 -36.88 -22.21 18.39
N ILE C 216 -37.45 -22.58 19.53
CA ILE C 216 -36.69 -22.92 20.73
C ILE C 216 -36.91 -24.40 21.01
N SER C 217 -35.81 -25.15 21.11
CA SER C 217 -35.86 -26.59 21.36
C SER C 217 -35.48 -26.86 22.81
N ARG C 218 -36.36 -27.59 23.51
CA ARG C 218 -36.17 -27.90 24.93
C ARG C 218 -36.01 -26.63 25.75
N LEU C 219 -37.07 -25.83 25.76
CA LEU C 219 -37.04 -24.55 26.46
C LEU C 219 -36.87 -24.76 27.95
N GLU C 220 -36.14 -23.85 28.59
CA GLU C 220 -35.82 -23.92 30.00
C GLU C 220 -36.56 -22.82 30.76
N ALA C 221 -36.28 -22.73 32.07
CA ALA C 221 -36.98 -21.78 32.92
C ALA C 221 -36.59 -20.35 32.62
N GLU C 222 -35.34 -20.11 32.20
CA GLU C 222 -34.86 -18.76 31.95
C GLU C 222 -35.23 -18.24 30.57
N ASP C 223 -35.93 -19.03 29.76
CA ASP C 223 -36.41 -18.59 28.46
C ASP C 223 -37.70 -17.80 28.55
N VAL C 224 -38.26 -17.65 29.74
CA VAL C 224 -39.52 -16.93 29.91
C VAL C 224 -39.27 -15.43 29.72
N GLY C 225 -40.05 -14.82 28.85
CA GLY C 225 -39.91 -13.40 28.60
C GLY C 225 -40.68 -13.00 27.36
N VAL C 226 -40.43 -11.77 26.91
CA VAL C 226 -41.07 -11.21 25.72
C VAL C 226 -40.04 -11.19 24.59
N TYR C 227 -40.39 -11.79 23.47
CA TYR C 227 -39.51 -11.88 22.32
C TYR C 227 -39.91 -10.83 21.29
N TYR C 228 -38.94 -10.02 20.88
CA TYR C 228 -39.18 -8.89 19.99
C TYR C 228 -38.55 -9.15 18.63
N CYS C 229 -39.24 -8.71 17.59
CA CYS C 229 -38.85 -8.93 16.20
C CYS C 229 -38.51 -7.58 15.57
N MET C 230 -37.29 -7.45 15.06
CA MET C 230 -36.80 -6.18 14.53
C MET C 230 -36.32 -6.35 13.10
N GLN C 231 -36.45 -5.28 12.30
CA GLN C 231 -35.93 -5.23 10.96
C GLN C 231 -34.82 -4.19 10.89
N HIS C 232 -33.89 -4.38 9.95
CA HIS C 232 -32.77 -3.48 9.76
C HIS C 232 -32.52 -3.20 8.28
N LEU C 233 -33.53 -3.38 7.44
CA LEU C 233 -33.37 -3.15 6.00
C LEU C 233 -33.53 -1.68 5.66
N GLU C 234 -34.72 -1.13 5.87
CA GLU C 234 -34.97 0.29 5.72
C GLU C 234 -34.74 0.97 7.05
N TYR C 235 -34.02 2.09 7.04
CA TYR C 235 -33.37 2.48 8.27
C TYR C 235 -34.32 2.92 9.39
N PRO C 236 -35.51 3.46 9.11
CA PRO C 236 -36.40 3.76 10.23
C PRO C 236 -36.82 2.49 10.95
N LEU C 237 -35.92 1.97 11.80
CA LEU C 237 -36.12 0.68 12.45
C LEU C 237 -37.46 0.62 13.17
N THR C 238 -38.17 -0.48 12.97
CA THR C 238 -39.42 -0.74 13.67
C THR C 238 -39.35 -2.11 14.32
N PHE C 239 -39.94 -2.23 15.49
CA PHE C 239 -39.95 -3.48 16.24
C PHE C 239 -41.30 -4.16 16.13
N GLY C 240 -41.32 -5.46 16.44
CA GLY C 240 -42.56 -6.18 16.53
C GLY C 240 -43.28 -5.88 17.84
N ALA C 241 -44.55 -6.24 17.88
CA ALA C 241 -45.34 -6.02 19.09
C ALA C 241 -44.84 -6.82 20.27
N GLY C 242 -44.15 -7.91 20.03
CA GLY C 242 -43.63 -8.76 21.08
C GLY C 242 -44.55 -9.92 21.38
N THR C 243 -43.95 -11.06 21.75
CA THR C 243 -44.69 -12.26 22.12
C THR C 243 -44.19 -12.72 23.49
N LYS C 244 -45.06 -12.63 24.49
CA LYS C 244 -44.68 -13.00 25.85
C LYS C 244 -44.84 -14.49 26.06
N LEU C 245 -43.88 -15.09 26.74
CA LEU C 245 -43.93 -16.49 27.12
C LEU C 245 -44.20 -16.62 28.60
N GLU C 246 -45.10 -17.54 28.98
CA GLU C 246 -45.44 -17.75 30.37
C GLU C 246 -45.49 -19.25 30.66
N LEU C 247 -45.12 -19.62 31.87
CA LEU C 247 -45.12 -21.01 32.28
C LEU C 247 -46.54 -21.45 32.66
N LYS C 248 -46.71 -22.76 32.81
CA LYS C 248 -48.00 -23.32 33.21
C LYS C 248 -47.88 -24.10 34.51
N ASP D 23 -14.04 45.52 -44.72
CA ASP D 23 -14.45 46.85 -44.29
C ASP D 23 -13.70 47.26 -43.02
N ILE D 24 -13.91 46.51 -41.94
CA ILE D 24 -13.22 46.79 -40.70
C ILE D 24 -11.72 46.52 -40.83
N ILE D 25 -11.37 45.36 -41.38
CA ILE D 25 -9.97 44.96 -41.47
C ILE D 25 -9.19 45.93 -42.35
N VAL D 26 -9.74 46.24 -43.53
CA VAL D 26 -9.02 47.08 -44.47
C VAL D 26 -8.83 48.49 -43.92
N ARG D 27 -9.86 49.05 -43.29
CA ARG D 27 -9.73 50.40 -42.73
C ARG D 27 -8.74 50.41 -41.57
N HIS D 28 -8.86 49.44 -40.66
CA HIS D 28 -7.98 49.41 -39.50
C HIS D 28 -6.53 49.18 -39.90
N TYR D 29 -6.29 48.41 -40.97
CA TYR D 29 -4.93 48.23 -41.45
C TYR D 29 -4.42 49.44 -42.21
N ASN D 30 -5.31 50.13 -42.94
CA ASN D 30 -4.90 51.34 -43.65
C ASN D 30 -4.50 52.44 -42.68
N TYR D 31 -5.22 52.57 -41.56
CA TYR D 31 -4.89 53.58 -40.57
C TYR D 31 -3.68 53.20 -39.72
N THR D 32 -3.16 51.98 -39.87
CA THR D 32 -1.95 51.55 -39.20
C THR D 32 -0.79 51.32 -40.15
N GLY D 33 -0.94 51.66 -41.42
CA GLY D 33 0.15 51.59 -42.38
C GLY D 33 0.31 50.29 -43.13
N LYS D 34 -0.46 49.27 -42.80
CA LYS D 34 -0.36 47.98 -43.47
C LYS D 34 -1.41 47.90 -44.56
N LEU D 35 -0.97 47.66 -45.80
CA LEU D 35 -1.88 47.56 -46.93
C LEU D 35 -1.30 46.58 -47.95
N ASN D 36 -2.19 45.77 -48.53
CA ASN D 36 -1.78 44.79 -49.53
C ASN D 36 -2.78 44.73 -50.67
N THR D 48 9.62 32.91 -46.45
CA THR D 48 10.15 32.90 -45.09
C THR D 48 9.20 32.16 -44.14
N SER D 49 8.02 31.82 -44.63
CA SER D 49 7.04 31.13 -43.80
C SER D 49 7.30 29.63 -43.75
N VAL D 50 7.93 29.06 -44.77
CA VAL D 50 8.16 27.62 -44.81
C VAL D 50 9.08 27.19 -43.68
N VAL D 51 10.17 27.93 -43.46
CA VAL D 51 11.11 27.57 -42.41
C VAL D 51 10.46 27.69 -41.04
N PHE D 52 9.63 28.71 -40.85
CA PHE D 52 8.92 28.87 -39.58
C PHE D 52 7.93 27.73 -39.35
N ILE D 53 7.23 27.30 -40.40
CA ILE D 53 6.32 26.17 -40.29
C ILE D 53 7.09 24.90 -39.93
N LEU D 54 8.26 24.72 -40.55
CA LEU D 54 9.09 23.55 -40.22
C LEU D 54 9.55 23.60 -38.76
N ILE D 55 9.93 24.78 -38.28
CA ILE D 55 10.30 24.91 -36.87
C ILE D 55 9.13 24.58 -35.97
N CYS D 56 7.94 25.05 -36.33
CA CYS D 56 6.75 24.73 -35.53
C CYS D 56 6.47 23.24 -35.51
N CYS D 57 6.62 22.58 -36.66
CA CYS D 57 6.43 21.12 -36.71
C CYS D 57 7.46 20.40 -35.84
N PHE D 58 8.71 20.86 -35.85
CA PHE D 58 9.73 20.27 -34.99
C PHE D 58 9.40 20.46 -33.52
N ILE D 59 8.87 21.64 -33.17
CA ILE D 59 8.42 21.90 -31.80
C ILE D 59 7.29 20.94 -31.42
N ILE D 60 6.34 20.74 -32.34
CA ILE D 60 5.25 19.79 -32.10
C ILE D 60 5.80 18.39 -31.87
N LEU D 61 6.78 17.98 -32.67
CA LEU D 61 7.39 16.67 -32.50
C LEU D 61 8.06 16.54 -31.13
N GLU D 62 8.80 17.57 -30.71
CA GLU D 62 9.44 17.52 -29.40
C GLU D 62 8.41 17.43 -28.27
N ASN D 63 7.33 18.21 -28.38
CA ASN D 63 6.31 18.18 -27.32
C ASN D 63 5.61 16.84 -27.27
N ILE D 64 5.31 16.24 -28.42
CA ILE D 64 4.70 14.91 -28.43
C ILE D 64 5.66 13.89 -27.84
N PHE D 65 6.95 13.99 -28.17
CA PHE D 65 7.93 13.08 -27.60
C PHE D 65 7.98 13.18 -26.08
N VAL D 66 7.98 14.42 -25.56
CA VAL D 66 8.01 14.60 -24.11
C VAL D 66 6.74 14.04 -23.47
N LEU D 67 5.58 14.29 -24.09
CA LEU D 67 4.32 13.81 -23.54
C LEU D 67 4.27 12.29 -23.51
N LEU D 68 4.72 11.64 -24.59
CA LEU D 68 4.70 10.18 -24.61
C LEU D 68 5.72 9.60 -23.64
N THR D 69 6.87 10.27 -23.49
CA THR D 69 7.86 9.82 -22.51
C THR D 69 7.30 9.88 -21.10
N ILE D 70 6.58 10.96 -20.79
CA ILE D 70 5.94 11.07 -19.48
C ILE D 70 4.88 10.00 -19.30
N TRP D 71 4.05 9.78 -20.33
CA TRP D 71 2.95 8.83 -20.22
C TRP D 71 3.45 7.40 -20.04
N LYS D 72 4.48 7.01 -20.78
CA LYS D 72 4.96 5.63 -20.72
C LYS D 72 5.50 5.29 -19.33
N THR D 73 6.37 6.13 -18.81
CA THR D 73 7.07 5.81 -17.57
C THR D 73 6.13 5.92 -16.38
N LYS D 74 6.09 4.88 -15.55
CA LYS D 74 5.17 4.85 -14.41
C LYS D 74 5.63 5.72 -13.25
N LYS D 75 6.94 5.83 -13.04
CA LYS D 75 7.45 6.66 -11.96
C LYS D 75 7.28 8.15 -12.22
N PHE D 76 6.88 8.53 -13.44
CA PHE D 76 6.60 9.92 -13.77
C PHE D 76 5.17 10.34 -13.40
N HIS D 77 4.38 9.46 -12.81
CA HIS D 77 3.00 9.77 -12.45
C HIS D 77 2.93 10.45 -11.08
N ARG D 78 3.58 11.59 -10.99
CA ARG D 78 3.58 12.41 -9.79
C ARG D 78 3.44 13.87 -10.19
N PRO D 79 2.95 14.72 -9.29
CA PRO D 79 2.52 16.07 -9.72
C PRO D 79 3.58 16.91 -10.42
N MET D 80 4.85 16.79 -10.04
CA MET D 80 5.88 17.59 -10.70
C MET D 80 5.95 17.27 -12.18
N TYR D 81 6.07 15.99 -12.52
CA TYR D 81 6.09 15.59 -13.92
C TYR D 81 4.77 15.91 -14.60
N TYR D 82 3.68 15.99 -13.86
CA TYR D 82 2.43 16.48 -14.42
C TYR D 82 2.55 17.94 -14.82
N PHE D 83 3.25 18.75 -14.01
CA PHE D 83 3.48 20.15 -14.39
C PHE D 83 4.35 20.25 -15.63
N ILE D 84 5.41 19.43 -15.72
CA ILE D 84 6.21 19.41 -16.95
C ILE D 84 5.35 18.96 -18.14
N GLY D 85 4.44 18.00 -17.94
CA GLY D 85 3.57 17.58 -19.01
C GLY D 85 2.62 18.66 -19.46
N ASN D 86 2.10 19.45 -18.51
CA ASN D 86 1.26 20.59 -18.86
C ASN D 86 2.07 21.63 -19.64
N LEU D 87 3.31 21.85 -19.24
CA LEU D 87 4.18 22.75 -20.01
C LEU D 87 4.37 22.24 -21.42
N ALA D 88 4.60 20.94 -21.58
CA ALA D 88 4.78 20.37 -22.91
C ALA D 88 3.51 20.51 -23.75
N LEU D 89 2.35 20.28 -23.13
CA LEU D 89 1.08 20.44 -23.86
C LEU D 89 0.86 21.88 -24.27
N SER D 90 1.19 22.83 -23.38
CA SER D 90 1.03 24.24 -23.71
C SER D 90 1.96 24.64 -24.85
N ASP D 91 3.20 24.13 -24.85
CA ASP D 91 4.09 24.39 -25.97
C ASP D 91 3.56 23.75 -27.26
N LEU D 92 2.96 22.57 -27.15
CA LEU D 92 2.36 21.92 -28.31
C LEU D 92 1.26 22.79 -28.90
N LEU D 93 0.36 23.29 -28.06
CA LEU D 93 -0.71 24.15 -28.55
C LEU D 93 -0.18 25.48 -29.06
N ALA D 94 0.90 26.00 -28.47
CA ALA D 94 1.51 27.22 -28.99
C ALA D 94 2.06 27.01 -30.40
N GLY D 95 2.75 25.88 -30.61
CA GLY D 95 3.23 25.58 -31.95
C GLY D 95 2.11 25.39 -32.95
N VAL D 96 1.05 24.70 -32.54
CA VAL D 96 -0.11 24.51 -33.42
C VAL D 96 -0.75 25.85 -33.75
N ALA D 97 -0.89 26.71 -32.74
CA ALA D 97 -1.51 28.02 -32.95
C ALA D 97 -0.66 28.89 -33.88
N TYR D 98 0.63 28.90 -33.71
CA TYR D 98 1.45 29.71 -34.55
C TYR D 98 1.50 29.17 -35.88
N THR D 99 1.36 27.86 -36.01
CA THR D 99 1.41 27.28 -37.31
C THR D 99 0.22 27.73 -38.04
N ALA D 100 -0.91 27.70 -37.34
CA ALA D 100 -2.21 28.12 -37.85
C ALA D 100 -2.19 29.56 -38.12
N ASN D 101 -1.67 30.34 -37.24
CA ASN D 101 -1.61 31.77 -37.44
C ASN D 101 -0.78 32.07 -38.59
N LEU D 102 0.28 31.28 -38.68
CA LEU D 102 1.27 31.46 -39.67
C LEU D 102 0.69 31.24 -41.00
N LEU D 103 -0.14 30.22 -41.11
CA LEU D 103 -0.84 29.89 -42.34
C LEU D 103 -1.93 30.83 -42.77
N LEU D 104 -2.78 31.25 -41.82
CA LEU D 104 -3.93 32.19 -41.93
C LEU D 104 -3.66 33.67 -42.29
N SER D 105 -2.55 34.16 -41.74
CA SER D 105 -2.04 35.52 -41.98
C SER D 105 -1.49 35.56 -43.37
N GLY D 106 -1.36 36.74 -43.90
CA GLY D 106 -0.98 36.87 -45.27
C GLY D 106 -2.16 37.46 -45.90
N ALA D 107 -2.21 37.50 -47.21
CA ALA D 107 -3.28 38.15 -47.89
C ALA D 107 -4.56 37.51 -47.45
N THR D 108 -4.49 36.33 -46.91
CA THR D 108 -5.75 35.74 -46.49
C THR D 108 -6.34 36.39 -45.25
N THR D 109 -5.58 37.26 -44.56
CA THR D 109 -6.09 37.89 -43.35
C THR D 109 -7.21 38.89 -43.65
N TYR D 110 -7.32 39.37 -44.89
CA TYR D 110 -8.43 40.23 -45.27
C TYR D 110 -9.71 39.45 -45.45
N LYS D 111 -9.61 38.14 -45.75
CA LYS D 111 -10.80 37.33 -45.92
C LYS D 111 -11.51 37.09 -44.59
N LEU D 112 -10.74 37.02 -43.50
CA LEU D 112 -11.32 36.73 -42.20
C LEU D 112 -12.30 37.81 -41.78
N THR D 113 -13.45 37.37 -41.26
CA THR D 113 -14.37 38.30 -40.61
C THR D 113 -13.76 38.79 -39.31
N PRO D 114 -14.18 39.95 -38.81
CA PRO D 114 -13.63 40.45 -37.54
C PRO D 114 -13.67 39.43 -36.42
N ALA D 115 -14.76 38.68 -36.29
CA ALA D 115 -14.81 37.62 -35.29
C ALA D 115 -13.76 36.55 -35.55
N GLN D 116 -13.58 36.17 -36.82
CA GLN D 116 -12.55 35.19 -37.17
C GLN D 116 -11.14 35.73 -36.91
N TRP D 117 -10.91 37.02 -37.19
CA TRP D 117 -9.63 37.62 -36.86
C TRP D 117 -9.37 37.55 -35.35
N PHE D 118 -10.39 37.89 -34.56
CA PHE D 118 -10.25 37.86 -33.11
C PHE D 118 -9.98 36.45 -32.61
N LEU D 119 -10.65 35.45 -33.18
CA LEU D 119 -10.36 34.06 -32.83
C LEU D 119 -8.92 33.70 -33.17
N ARG D 120 -8.44 34.11 -34.35
CA ARG D 120 -7.08 33.77 -34.75
C ARG D 120 -6.06 34.38 -33.79
N GLU D 121 -6.25 35.64 -33.41
CA GLU D 121 -5.29 36.29 -32.52
C GLU D 121 -5.41 35.78 -31.10
N GLY D 122 -6.64 35.53 -30.62
CA GLY D 122 -6.83 34.96 -29.31
C GLY D 122 -6.28 33.57 -29.17
N SER D 123 -6.21 32.80 -30.27
CA SER D 123 -5.54 31.51 -30.21
C SER D 123 -4.09 31.68 -29.78
N MET D 124 -3.36 32.57 -30.46
CA MET D 124 -1.98 32.84 -30.07
C MET D 124 -1.87 33.38 -28.65
N PHE D 125 -2.74 34.33 -28.30
CA PHE D 125 -2.65 34.93 -26.97
C PHE D 125 -2.88 33.90 -25.88
N VAL D 126 -3.91 33.05 -26.07
CA VAL D 126 -4.21 32.01 -25.10
C VAL D 126 -3.07 31.00 -25.01
N ALA D 127 -2.53 30.59 -26.16
CA ALA D 127 -1.46 29.61 -26.16
C ALA D 127 -0.22 30.13 -25.43
N LEU D 128 0.19 31.36 -25.74
CA LEU D 128 1.37 31.93 -25.10
C LEU D 128 1.13 32.18 -23.61
N SER D 129 -0.05 32.68 -23.26
CA SER D 129 -0.36 32.89 -21.85
C SER D 129 -0.36 31.58 -21.08
N ALA D 130 -0.92 30.53 -21.67
CA ALA D 130 -0.94 29.22 -21.02
C ALA D 130 0.47 28.68 -20.86
N SER D 131 1.32 28.85 -21.87
CA SER D 131 2.70 28.39 -21.76
C SER D 131 3.43 29.10 -20.63
N VAL D 132 3.38 30.44 -20.61
CA VAL D 132 4.13 31.18 -19.59
C VAL D 132 3.53 30.93 -18.20
N PHE D 133 2.21 30.76 -18.11
CA PHE D 133 1.61 30.39 -16.85
C PHE D 133 1.99 28.98 -16.42
N SER D 134 2.25 28.08 -17.37
CA SER D 134 2.76 26.77 -17.01
C SER D 134 4.17 26.87 -16.44
N LEU D 135 4.99 27.74 -17.02
CA LEU D 135 6.29 28.02 -16.37
C LEU D 135 6.10 28.56 -14.97
N LEU D 136 5.14 29.47 -14.77
CA LEU D 136 4.87 30.00 -13.44
C LEU D 136 4.45 28.89 -12.48
N ALA D 137 3.57 27.99 -12.93
CA ALA D 137 3.11 26.91 -12.07
C ALA D 137 4.24 25.96 -11.72
N ILE D 138 5.12 25.67 -12.68
CA ILE D 138 6.28 24.83 -12.40
C ILE D 138 7.17 25.50 -11.36
N ALA D 139 7.41 26.80 -11.52
CA ALA D 139 8.23 27.53 -10.56
C ALA D 139 7.59 27.53 -9.17
N ILE D 140 6.28 27.72 -9.10
CA ILE D 140 5.58 27.75 -7.82
C ILE D 140 5.65 26.40 -7.14
N GLU D 141 5.43 25.31 -7.89
CA GLU D 141 5.51 23.98 -7.32
C GLU D 141 6.92 23.68 -6.83
N ARG D 142 7.93 24.06 -7.61
CA ARG D 142 9.32 23.86 -7.19
C ARG D 142 9.62 24.64 -5.91
N TYR D 143 9.15 25.89 -5.84
CA TYR D 143 9.37 26.70 -4.64
C TYR D 143 8.70 26.09 -3.41
N ILE D 144 7.47 25.61 -3.58
CA ILE D 144 6.77 24.98 -2.46
C ILE D 144 7.48 23.71 -2.02
N THR D 145 7.96 22.91 -2.98
CA THR D 145 8.67 21.69 -2.64
C THR D 145 9.98 21.98 -1.92
N MET D 146 10.71 23.00 -2.37
CA MET D 146 11.98 23.34 -1.75
C MET D 146 11.84 24.16 -0.47
N LEU D 147 10.65 24.70 -0.20
CA LEU D 147 10.43 25.40 1.06
C LEU D 147 10.13 24.42 2.18
N LYS D 148 9.07 23.63 2.03
CA LYS D 148 8.76 22.55 2.96
C LYS D 148 9.56 21.32 2.52
N MET D 149 10.67 21.06 3.22
CA MET D 149 11.59 20.01 2.78
C MET D 149 10.91 18.64 2.74
N LYS D 150 10.29 18.24 3.86
CA LYS D 150 9.66 16.94 3.98
C LYS D 150 10.65 15.81 3.67
N LEU D 151 10.15 14.60 3.58
CA LEU D 151 10.97 13.48 3.12
C LEU D 151 10.35 12.75 1.94
N HIS D 152 9.03 12.59 1.92
CA HIS D 152 8.31 12.02 0.80
C HIS D 152 7.21 13.01 0.44
N ASN D 153 7.42 13.76 -0.64
CA ASN D 153 6.49 14.82 -1.01
C ASN D 153 5.11 14.27 -1.32
N GLY D 154 5.05 13.12 -2.00
CA GLY D 154 3.76 12.53 -2.30
C GLY D 154 3.02 13.28 -3.39
N SER D 155 1.72 13.01 -3.46
CA SER D 155 0.84 13.60 -4.47
C SER D 155 -0.15 14.53 -3.77
N ASN D 156 0.11 15.84 -3.87
CA ASN D 156 -0.83 16.85 -3.38
C ASN D 156 -1.71 17.26 -4.56
N ASN D 157 -2.78 16.48 -4.76
CA ASN D 157 -3.62 16.64 -5.93
C ASN D 157 -4.39 17.96 -5.90
N PHE D 158 -4.74 18.45 -4.71
CA PHE D 158 -5.50 19.70 -4.61
C PHE D 158 -4.72 20.86 -5.21
N ARG D 159 -3.46 21.04 -4.78
CA ARG D 159 -2.65 22.13 -5.31
C ARG D 159 -2.40 21.96 -6.80
N LEU D 160 -2.12 20.73 -7.24
CA LEU D 160 -1.91 20.48 -8.66
C LEU D 160 -3.11 20.89 -9.50
N PHE D 161 -4.30 20.41 -9.12
CA PHE D 161 -5.50 20.73 -9.88
C PHE D 161 -5.80 22.22 -9.83
N LEU D 162 -5.63 22.86 -8.66
CA LEU D 162 -5.88 24.28 -8.56
C LEU D 162 -4.95 25.08 -9.47
N LEU D 163 -3.67 24.74 -9.46
CA LEU D 163 -2.70 25.46 -10.30
C LEU D 163 -2.99 25.26 -11.78
N ILE D 164 -3.29 24.01 -12.19
CA ILE D 164 -3.57 23.75 -13.60
C ILE D 164 -4.83 24.50 -14.04
N SER D 165 -5.89 24.43 -13.23
CA SER D 165 -7.13 25.10 -13.57
C SER D 165 -6.95 26.61 -13.65
N ALA D 166 -6.18 27.18 -12.71
CA ALA D 166 -5.93 28.61 -12.76
C ALA D 166 -5.14 28.99 -14.01
N CYS D 167 -4.06 28.27 -14.29
CA CYS D 167 -3.22 28.60 -15.44
C CYS D 167 -3.97 28.45 -16.74
N TRP D 168 -4.99 27.58 -16.79
CA TRP D 168 -5.78 27.45 -18.00
C TRP D 168 -6.87 28.50 -18.10
N VAL D 169 -7.64 28.70 -17.02
CA VAL D 169 -8.77 29.62 -17.04
C VAL D 169 -8.29 31.06 -17.22
N ILE D 170 -7.26 31.46 -16.47
CA ILE D 170 -6.76 32.82 -16.58
C ILE D 170 -6.24 33.08 -17.99
N SER D 171 -5.55 32.10 -18.58
CA SER D 171 -5.04 32.26 -19.94
C SER D 171 -6.19 32.41 -20.94
N LEU D 172 -7.21 31.56 -20.81
CA LEU D 172 -8.35 31.65 -21.73
C LEU D 172 -9.05 32.99 -21.61
N ILE D 173 -9.29 33.46 -20.38
CA ILE D 173 -9.95 34.74 -20.18
C ILE D 173 -9.10 35.88 -20.74
N LEU D 174 -7.79 35.84 -20.48
CA LEU D 174 -6.91 36.91 -20.95
C LEU D 174 -6.89 36.96 -22.47
N GLY D 175 -6.89 35.80 -23.13
CA GLY D 175 -7.01 35.79 -24.57
C GLY D 175 -8.38 36.17 -25.07
N GLY D 176 -9.41 36.05 -24.23
CA GLY D 176 -10.75 36.37 -24.64
C GLY D 176 -11.22 37.79 -24.42
N LEU D 177 -10.53 38.55 -23.57
CA LEU D 177 -10.94 39.93 -23.31
C LEU D 177 -11.25 40.75 -24.57
N PRO D 178 -10.41 40.75 -25.62
CA PRO D 178 -10.72 41.61 -26.77
C PRO D 178 -12.05 41.31 -27.44
N ILE D 179 -12.55 40.07 -27.34
CA ILE D 179 -13.73 39.70 -28.10
C ILE D 179 -15.03 40.13 -27.41
N MET D 180 -15.03 40.32 -26.09
CA MET D 180 -16.24 40.81 -25.44
C MET D 180 -16.47 42.30 -25.66
N GLY D 181 -15.49 43.03 -26.17
CA GLY D 181 -15.68 44.44 -26.44
C GLY D 181 -14.48 45.32 -26.16
N TRP D 182 -13.46 44.77 -25.49
CA TRP D 182 -12.25 45.52 -25.17
C TRP D 182 -11.32 45.47 -26.37
N ASN D 183 -11.70 46.20 -27.41
CA ASN D 183 -10.97 46.16 -28.68
C ASN D 183 -10.85 47.58 -29.23
N CYS D 184 -10.26 47.69 -30.42
CA CYS D 184 -10.03 48.97 -31.06
C CYS D 184 -11.29 49.55 -31.70
N ILE D 185 -12.30 48.72 -31.97
CA ILE D 185 -13.50 49.19 -32.64
C ILE D 185 -14.16 50.28 -31.80
N SER D 186 -14.57 51.36 -32.46
CA SER D 186 -15.12 52.57 -31.86
C SER D 186 -14.11 53.32 -31.00
N ALA D 187 -12.85 52.90 -31.03
CA ALA D 187 -11.76 53.56 -30.31
C ALA D 187 -10.57 53.72 -31.24
N LEU D 188 -10.82 54.24 -32.44
CA LEU D 188 -9.80 54.31 -33.48
C LEU D 188 -8.64 55.20 -33.06
N SER D 189 -8.91 56.27 -32.33
CA SER D 189 -7.86 57.16 -31.87
C SER D 189 -6.97 56.54 -30.80
N SER D 190 -7.34 55.39 -30.27
CA SER D 190 -6.58 54.66 -29.26
C SER D 190 -6.32 53.24 -29.73
N CYS D 191 -5.82 53.11 -30.95
CA CYS D 191 -5.71 51.82 -31.63
C CYS D 191 -4.25 51.40 -31.74
N SER D 192 -4.01 50.10 -31.58
CA SER D 192 -2.67 49.56 -31.68
C SER D 192 -2.22 49.49 -33.13
N THR D 193 -0.91 49.26 -33.31
CA THR D 193 -0.31 49.17 -34.64
C THR D 193 0.03 47.74 -35.03
N VAL D 194 0.65 46.98 -34.13
CA VAL D 194 0.99 45.58 -34.43
C VAL D 194 -0.28 44.76 -34.60
N LEU D 195 -1.32 45.07 -33.84
CA LEU D 195 -2.63 44.41 -33.93
C LEU D 195 -3.68 45.48 -34.17
N PRO D 196 -3.95 45.84 -35.42
CA PRO D 196 -4.80 47.00 -35.70
C PRO D 196 -6.25 46.86 -35.26
N LEU D 197 -6.65 45.74 -34.65
CA LEU D 197 -7.97 45.61 -34.08
C LEU D 197 -7.93 45.35 -32.58
N TYR D 198 -6.81 45.65 -31.92
CA TYR D 198 -6.68 45.52 -30.48
C TYR D 198 -6.57 46.90 -29.84
N HIS D 199 -7.15 47.03 -28.66
CA HIS D 199 -7.09 48.28 -27.92
C HIS D 199 -5.74 48.45 -27.26
N LYS D 200 -5.22 49.67 -27.28
CA LYS D 200 -3.92 49.94 -26.67
C LYS D 200 -3.94 49.66 -25.18
N HIS D 201 -5.05 49.97 -24.51
CA HIS D 201 -5.16 49.69 -23.08
C HIS D 201 -5.13 48.19 -22.81
N TYR D 202 -5.72 47.38 -23.69
CA TYR D 202 -5.64 45.93 -23.50
C TYR D 202 -4.20 45.44 -23.63
N ILE D 203 -3.45 46.01 -24.58
CA ILE D 203 -2.04 45.62 -24.72
C ILE D 203 -1.24 46.06 -23.51
N LEU D 204 -1.56 47.23 -22.95
CA LEU D 204 -0.91 47.67 -21.73
C LEU D 204 -1.23 46.72 -20.57
N PHE D 205 -2.48 46.27 -20.48
CA PHE D 205 -2.86 45.32 -19.44
C PHE D 205 -2.10 44.00 -19.60
N CYS D 206 -2.00 43.51 -20.84
CA CYS D 206 -1.27 42.28 -21.08
C CYS D 206 0.20 42.44 -20.75
N THR D 207 0.78 43.60 -21.09
CA THR D 207 2.17 43.87 -20.74
C THR D 207 2.37 43.91 -19.23
N THR D 208 1.44 44.51 -18.50
CA THR D 208 1.52 44.55 -17.05
C THR D 208 1.44 43.15 -16.45
N VAL D 209 0.53 42.32 -16.97
CA VAL D 209 0.43 40.94 -16.49
C VAL D 209 1.71 40.18 -16.79
N PHE D 210 2.28 40.38 -17.98
CA PHE D 210 3.52 39.70 -18.33
C PHE D 210 4.66 40.15 -17.42
N THR D 211 4.75 41.44 -17.11
CA THR D 211 5.77 41.92 -16.19
C THR D 211 5.61 41.29 -14.82
N LEU D 212 4.39 41.29 -14.29
CA LEU D 212 4.16 40.71 -12.97
C LEU D 212 4.52 39.23 -12.97
N LEU D 213 4.15 38.51 -14.02
CA LEU D 213 4.38 37.07 -14.07
C LEU D 213 5.86 36.75 -14.23
N LEU D 214 6.57 37.51 -15.07
CA LEU D 214 8.00 37.32 -15.24
C LEU D 214 8.76 37.62 -13.97
N LEU D 215 8.42 38.73 -13.29
CA LEU D 215 9.06 39.02 -12.01
C LEU D 215 8.74 37.96 -10.97
N SER D 216 7.51 37.43 -10.99
CA SER D 216 7.17 36.36 -10.06
C SER D 216 8.06 35.14 -10.30
N ILE D 217 8.22 34.75 -11.57
CA ILE D 217 9.06 33.59 -11.88
C ILE D 217 10.50 33.83 -11.46
N VAL D 218 11.02 35.01 -11.78
CA VAL D 218 12.42 35.32 -11.46
C VAL D 218 12.64 35.32 -9.95
N ILE D 219 11.74 35.94 -9.19
CA ILE D 219 11.88 35.98 -7.74
C ILE D 219 11.75 34.59 -7.15
N LEU D 220 10.84 33.77 -7.69
CA LEU D 220 10.68 32.42 -7.18
C LEU D 220 11.94 31.60 -7.37
N TYR D 221 12.53 31.66 -8.57
CA TYR D 221 13.74 30.89 -8.82
C TYR D 221 14.93 31.44 -8.02
N CYS D 222 15.02 32.76 -7.89
CA CYS D 222 16.09 33.35 -7.09
C CYS D 222 15.97 32.96 -5.63
N ARG D 223 14.74 32.93 -5.09
CA ARG D 223 14.55 32.51 -3.72
C ARG D 223 14.84 31.03 -3.55
N ILE D 224 14.49 30.21 -4.54
CA ILE D 224 14.84 28.78 -4.49
C ILE D 224 16.34 28.62 -4.37
N TYR D 225 17.09 29.28 -5.25
CA TYR D 225 18.54 29.19 -5.21
C TYR D 225 19.09 29.73 -3.90
N SER D 226 18.55 30.85 -3.42
CA SER D 226 19.05 31.46 -2.20
C SER D 226 18.86 30.53 -1.00
N LEU D 227 17.65 29.96 -0.86
CA LEU D 227 17.42 29.07 0.26
C LEU D 227 18.28 27.81 0.17
N VAL D 228 18.41 27.24 -1.03
CA VAL D 228 19.25 26.06 -1.19
C VAL D 228 20.70 26.38 -0.81
N ARG D 229 21.23 27.52 -1.28
CA ARG D 229 22.61 27.87 -0.99
C ARG D 229 22.82 28.16 0.50
N THR D 230 21.88 28.87 1.13
CA THR D 230 22.02 29.15 2.56
C THR D 230 21.98 27.86 3.38
N ARG D 231 21.06 26.95 3.05
CA ARG D 231 21.00 25.70 3.80
C ARG D 231 22.23 24.83 3.52
N SER D 232 22.78 24.89 2.31
CA SER D 232 23.99 24.14 1.99
C SER D 232 25.21 24.72 2.69
N ARG D 233 25.23 26.03 2.95
CA ARG D 233 26.32 26.61 3.73
C ARG D 233 26.08 26.51 5.22
N ARG D 234 24.86 26.18 5.65
CA ARG D 234 24.56 26.11 7.07
C ARG D 234 25.19 24.89 7.73
N LEU D 235 25.38 23.81 6.98
CA LEU D 235 25.91 22.57 7.52
C LEU D 235 27.36 22.39 7.10
N THR D 236 28.14 21.73 7.97
CA THR D 236 29.57 21.56 7.78
C THR D 236 29.90 20.08 7.67
N PHE D 237 30.70 19.73 6.67
CA PHE D 237 31.17 18.36 6.51
C PHE D 237 32.68 18.27 6.73
N GLU D 249 29.18 21.58 -7.20
CA GLU D 249 28.38 20.88 -6.21
C GLU D 249 26.89 21.06 -6.47
N LYS D 250 26.07 20.83 -5.44
CA LYS D 250 24.63 21.02 -5.58
C LYS D 250 24.29 22.47 -5.87
N SER D 251 24.90 23.40 -5.13
CA SER D 251 24.61 24.81 -5.31
C SER D 251 25.07 25.30 -6.69
N LEU D 252 26.25 24.85 -7.14
CA LEU D 252 26.74 25.29 -8.44
C LEU D 252 25.87 24.74 -9.57
N ALA D 253 25.46 23.48 -9.47
CA ALA D 253 24.59 22.91 -10.50
C ALA D 253 23.23 23.60 -10.51
N LEU D 254 22.67 23.88 -9.34
CA LEU D 254 21.41 24.60 -9.29
C LEU D 254 21.54 26.00 -9.86
N LEU D 255 22.64 26.69 -9.56
CA LEU D 255 22.87 28.01 -10.13
C LEU D 255 22.97 27.95 -11.65
N LYS D 256 23.68 26.94 -12.16
CA LYS D 256 23.80 26.79 -13.61
C LYS D 256 22.44 26.55 -14.25
N THR D 257 21.64 25.68 -13.65
CA THR D 257 20.31 25.39 -14.19
C THR D 257 19.43 26.63 -14.17
N VAL D 258 19.43 27.35 -13.04
CA VAL D 258 18.58 28.55 -12.93
C VAL D 258 19.04 29.61 -13.92
N ILE D 259 20.35 29.80 -14.04
CA ILE D 259 20.87 30.79 -14.99
C ILE D 259 20.49 30.43 -16.41
N ILE D 260 20.60 29.15 -16.77
CA ILE D 260 20.23 28.73 -18.12
C ILE D 260 18.75 29.01 -18.38
N VAL D 261 17.89 28.58 -17.45
CA VAL D 261 16.45 28.72 -17.65
C VAL D 261 16.08 30.20 -17.77
N LEU D 262 16.53 31.00 -16.81
CA LEU D 262 16.14 32.41 -16.79
C LEU D 262 16.73 33.16 -17.98
N SER D 263 18.00 32.90 -18.32
CA SER D 263 18.62 33.58 -19.45
C SER D 263 17.88 33.26 -20.74
N VAL D 264 17.57 31.99 -20.97
CA VAL D 264 16.82 31.62 -22.17
C VAL D 264 15.48 32.33 -22.19
N PHE D 265 14.73 32.24 -21.10
CA PHE D 265 13.37 32.78 -21.09
C PHE D 265 13.37 34.29 -21.32
N ILE D 266 14.18 35.04 -20.56
CA ILE D 266 14.17 36.49 -20.68
C ILE D 266 14.76 36.92 -22.02
N ALA D 267 15.92 36.37 -22.39
CA ALA D 267 16.56 36.79 -23.63
C ALA D 267 15.77 36.38 -24.86
N CYS D 268 14.80 35.46 -24.73
CA CYS D 268 14.01 35.07 -25.89
C CYS D 268 12.61 35.65 -25.88
N TRP D 269 12.10 36.09 -24.73
CA TRP D 269 10.84 36.81 -24.67
C TRP D 269 11.01 38.33 -24.64
N ALA D 270 12.25 38.82 -24.58
CA ALA D 270 12.46 40.26 -24.47
C ALA D 270 11.97 41.06 -25.67
N PRO D 271 12.36 40.75 -26.93
CA PRO D 271 11.99 41.64 -28.04
C PRO D 271 10.49 41.82 -28.23
N LEU D 272 9.72 40.74 -28.06
CA LEU D 272 8.27 40.85 -28.15
C LEU D 272 7.73 41.76 -27.06
N PHE D 273 8.27 41.65 -25.85
CA PHE D 273 7.89 42.55 -24.76
C PHE D 273 8.22 44.00 -25.09
N ILE D 274 9.40 44.24 -25.67
CA ILE D 274 9.79 45.60 -26.03
C ILE D 274 8.83 46.17 -27.08
N LEU D 275 8.45 45.37 -28.07
CA LEU D 275 7.50 45.87 -29.06
C LEU D 275 6.11 46.08 -28.47
N LEU D 276 5.67 45.18 -27.58
CA LEU D 276 4.37 45.37 -26.95
C LEU D 276 4.34 46.62 -26.08
N LEU D 277 5.48 47.00 -25.50
CA LEU D 277 5.55 48.27 -24.79
C LEU D 277 5.65 49.46 -25.74
N LEU D 278 6.36 49.29 -26.86
CA LEU D 278 6.66 50.41 -27.76
C LEU D 278 5.46 50.80 -28.61
N ASP D 279 4.62 49.83 -29.01
CA ASP D 279 3.50 50.15 -29.88
C ASP D 279 2.52 51.10 -29.22
N VAL D 280 2.41 51.05 -27.89
CA VAL D 280 1.58 52.01 -27.18
C VAL D 280 2.17 53.42 -27.29
N GLY D 281 3.49 53.53 -27.15
CA GLY D 281 4.14 54.82 -27.22
C GLY D 281 4.32 55.38 -28.61
N CYS D 282 4.30 54.54 -29.64
CA CYS D 282 4.45 55.00 -31.02
C CYS D 282 3.15 55.58 -31.53
N LYS D 283 3.23 56.72 -32.20
CA LYS D 283 2.09 57.25 -32.94
C LYS D 283 1.85 56.39 -34.18
N VAL D 284 0.61 56.40 -34.65
CA VAL D 284 0.25 55.63 -35.83
C VAL D 284 0.99 56.16 -37.05
N LYS D 285 1.30 55.27 -37.99
CA LYS D 285 1.95 55.58 -39.26
C LYS D 285 3.38 56.08 -39.09
N THR D 286 3.98 55.88 -37.92
CA THR D 286 5.31 56.44 -37.64
C THR D 286 6.37 55.36 -37.45
N CYS D 287 6.19 54.44 -36.51
CA CYS D 287 7.23 53.49 -36.14
C CYS D 287 7.33 52.39 -37.19
N ASP D 288 8.44 52.38 -37.92
CA ASP D 288 8.66 51.38 -38.97
C ASP D 288 9.03 50.02 -38.39
N ILE D 289 9.72 49.99 -37.25
CA ILE D 289 10.12 48.73 -36.63
C ILE D 289 8.91 47.90 -36.23
N LEU D 290 7.76 48.55 -35.99
CA LEU D 290 6.57 47.83 -35.56
C LEU D 290 6.02 46.94 -36.66
N PHE D 291 6.28 47.27 -37.92
CA PHE D 291 5.67 46.54 -39.03
C PHE D 291 6.19 45.10 -39.10
N ARG D 292 7.50 44.92 -38.99
CA ARG D 292 8.11 43.60 -39.14
C ARG D 292 8.27 42.92 -37.78
N ALA D 293 7.12 42.66 -37.16
CA ALA D 293 7.07 42.02 -35.85
C ALA D 293 6.92 40.50 -35.93
N GLU D 294 6.90 39.93 -37.14
CA GLU D 294 6.72 38.49 -37.26
C GLU D 294 7.89 37.72 -36.68
N TYR D 295 9.12 38.20 -36.93
CA TYR D 295 10.30 37.52 -36.40
C TYR D 295 10.34 37.61 -34.88
N PHE D 296 9.79 38.69 -34.33
CA PHE D 296 9.85 38.90 -32.89
C PHE D 296 8.91 37.95 -32.16
N LEU D 297 7.88 37.44 -32.85
CA LEU D 297 7.04 36.38 -32.32
C LEU D 297 7.59 35.01 -32.69
N VAL D 298 8.35 34.93 -33.78
CA VAL D 298 9.13 33.73 -34.06
C VAL D 298 10.05 33.44 -32.88
N LEU D 299 10.66 34.48 -32.31
CA LEU D 299 11.51 34.29 -31.14
C LEU D 299 10.73 33.65 -29.99
N ALA D 300 9.51 34.15 -29.73
CA ALA D 300 8.71 33.59 -28.64
C ALA D 300 8.37 32.13 -28.90
N VAL D 301 8.05 31.78 -30.15
CA VAL D 301 7.71 30.39 -30.41
C VAL D 301 8.96 29.51 -30.33
N LEU D 302 10.14 30.03 -30.68
CA LEU D 302 11.37 29.26 -30.43
C LEU D 302 11.59 29.04 -28.94
N ASN D 303 11.28 30.03 -28.12
CA ASN D 303 11.37 29.82 -26.67
C ASN D 303 10.40 28.72 -26.23
N SER D 304 9.19 28.73 -26.78
CA SER D 304 8.23 27.67 -26.49
C SER D 304 8.77 26.31 -26.91
N GLY D 305 9.51 26.27 -28.03
CA GLY D 305 10.05 25.00 -28.50
C GLY D 305 11.28 24.54 -27.73
N THR D 306 12.02 25.47 -27.12
CA THR D 306 13.18 25.10 -26.33
C THR D 306 12.85 24.90 -24.86
N ASN D 307 11.63 25.21 -24.42
CA ASN D 307 11.23 24.84 -23.06
C ASN D 307 11.39 23.35 -22.76
N PRO D 308 10.85 22.42 -23.57
CA PRO D 308 11.03 21.00 -23.21
C PRO D 308 12.46 20.53 -23.35
N ILE D 309 13.25 21.13 -24.24
CA ILE D 309 14.66 20.79 -24.33
C ILE D 309 15.35 21.09 -23.01
N ILE D 310 15.11 22.28 -22.45
CA ILE D 310 15.73 22.66 -21.18
C ILE D 310 15.21 21.79 -20.05
N TYR D 311 13.90 21.55 -20.02
CA TYR D 311 13.32 20.78 -18.92
C TYR D 311 13.56 19.27 -19.06
N THR D 312 14.13 18.82 -20.18
CA THR D 312 14.51 17.43 -20.37
C THR D 312 16.00 17.19 -20.17
N LEU D 313 16.86 17.92 -20.89
CA LEU D 313 18.29 17.67 -20.78
C LEU D 313 18.83 18.01 -19.40
N THR D 314 18.26 19.01 -18.73
CA THR D 314 18.69 19.32 -17.37
C THR D 314 18.39 18.17 -16.42
N ASN D 315 17.24 17.52 -16.57
CA ASN D 315 16.83 16.44 -15.69
C ASN D 315 17.56 15.15 -16.07
N LYS D 316 18.30 14.57 -15.13
CA LYS D 316 18.97 13.29 -15.38
C LYS D 316 17.95 12.20 -15.69
N GLU D 317 16.93 12.06 -14.83
CA GLU D 317 15.99 10.96 -14.97
C GLU D 317 15.19 11.09 -16.26
N MET D 318 14.91 12.33 -16.68
CA MET D 318 14.20 12.53 -17.94
C MET D 318 15.00 12.00 -19.13
N ARG D 319 16.30 12.33 -19.19
CA ARG D 319 17.12 11.81 -20.29
C ARG D 319 17.24 10.29 -20.21
N ARG D 320 17.43 9.74 -19.02
CA ARG D 320 17.54 8.28 -18.92
C ARG D 320 16.26 7.59 -19.38
N ALA D 321 15.10 8.16 -19.05
CA ALA D 321 13.83 7.62 -19.53
C ALA D 321 13.69 7.77 -21.03
N PHE D 322 14.08 8.92 -21.58
CA PHE D 322 13.89 9.19 -22.99
C PHE D 322 14.77 8.29 -23.86
N ILE D 323 16.03 8.12 -23.45
CA ILE D 323 16.94 7.27 -24.22
C ILE D 323 16.50 5.82 -24.18
N ARG D 324 16.10 5.34 -23.00
CA ARG D 324 15.64 3.97 -22.85
C ARG D 324 14.14 3.87 -23.13
N CYS E 3 -29.27 4.83 -4.05
CA CYS E 3 -28.22 3.85 -3.77
C CYS E 3 -28.82 2.50 -3.41
N THR E 4 -28.16 1.42 -3.84
CA THR E 4 -28.64 0.07 -3.60
C THR E 4 -28.10 -0.53 -2.30
N LEU E 5 -27.21 0.16 -1.60
CA LEU E 5 -26.65 -0.37 -0.37
C LEU E 5 -27.68 -0.38 0.74
N SER E 6 -27.57 -1.37 1.63
CA SER E 6 -28.41 -1.45 2.81
C SER E 6 -27.90 -0.49 3.87
N ALA E 7 -28.67 -0.35 4.95
CA ALA E 7 -28.25 0.46 6.07
C ALA E 7 -26.95 -0.08 6.67
N GLU E 8 -26.89 -1.40 6.86
CA GLU E 8 -25.67 -2.02 7.36
C GLU E 8 -24.53 -1.89 6.36
N ASP E 9 -24.82 -1.98 5.07
CA ASP E 9 -23.79 -1.80 4.05
C ASP E 9 -23.24 -0.37 4.07
N LYS E 10 -24.13 0.63 4.20
CA LYS E 10 -23.68 2.01 4.27
C LYS E 10 -22.86 2.26 5.53
N ALA E 11 -23.27 1.66 6.66
CA ALA E 11 -22.50 1.81 7.89
C ALA E 11 -21.12 1.15 7.75
N ALA E 12 -21.05 0.00 7.09
CA ALA E 12 -19.77 -0.64 6.84
C ALA E 12 -18.88 0.21 5.94
N VAL E 13 -19.48 0.86 4.93
CA VAL E 13 -18.71 1.75 4.07
C VAL E 13 -18.19 2.95 4.86
N GLU E 14 -19.01 3.48 5.77
CA GLU E 14 -18.55 4.58 6.61
C GLU E 14 -17.40 4.13 7.52
N ARG E 15 -17.49 2.92 8.06
CA ARG E 15 -16.40 2.38 8.86
C ARG E 15 -15.13 2.24 8.02
N SER E 16 -15.27 1.78 6.79
CA SER E 16 -14.12 1.66 5.89
C SER E 16 -13.50 3.02 5.60
N LYS E 17 -14.34 4.05 5.42
CA LYS E 17 -13.83 5.39 5.19
C LYS E 17 -13.10 5.94 6.41
N MET E 18 -13.62 5.66 7.61
CA MET E 18 -12.92 6.04 8.83
C MET E 18 -11.56 5.36 8.92
N ILE E 19 -11.53 4.06 8.61
CA ILE E 19 -10.25 3.33 8.58
C ILE E 19 -9.31 3.95 7.56
N ASP E 20 -9.86 4.37 6.41
CA ASP E 20 -9.04 4.99 5.37
C ASP E 20 -8.40 6.28 5.86
N ARG E 21 -9.19 7.13 6.54
CA ARG E 21 -8.62 8.40 6.98
C ARG E 21 -7.64 8.19 8.13
N ASN E 22 -7.88 7.19 9.00
CA ASN E 22 -6.90 6.88 10.02
C ASN E 22 -5.60 6.37 9.39
N LEU E 23 -5.69 5.54 8.35
CA LEU E 23 -4.51 5.09 7.65
C LEU E 23 -3.77 6.25 7.00
N ARG E 24 -4.51 7.18 6.41
CA ARG E 24 -3.88 8.35 5.81
C ARG E 24 -3.16 9.19 6.85
N GLU E 25 -3.77 9.38 8.02
CA GLU E 25 -3.12 10.13 9.10
C GLU E 25 -1.86 9.42 9.57
N ASP E 26 -1.93 8.10 9.73
CA ASP E 26 -0.75 7.34 10.15
C ASP E 26 0.36 7.42 9.12
N GLY E 27 0.01 7.35 7.84
CA GLY E 27 1.01 7.46 6.79
C GLY E 27 1.64 8.84 6.73
N GLU E 28 0.82 9.88 6.95
CA GLU E 28 1.36 11.24 7.01
C GLU E 28 2.32 11.39 8.19
N LYS E 29 1.97 10.81 9.33
CA LYS E 29 2.86 10.86 10.49
C LYS E 29 4.16 10.10 10.23
N ALA E 30 4.07 8.95 9.56
CA ALA E 30 5.26 8.13 9.34
C ALA E 30 6.16 8.71 8.26
N ALA E 31 5.58 9.36 7.24
CA ALA E 31 6.39 9.93 6.17
C ALA E 31 7.21 11.13 6.62
N ARG E 32 6.89 11.69 7.78
CA ARG E 32 7.65 12.79 8.37
C ARG E 32 8.76 12.31 9.28
N GLU E 33 9.31 11.12 9.01
CA GLU E 33 10.27 10.48 9.90
C GLU E 33 11.42 9.92 9.10
N VAL E 34 12.62 10.02 9.64
CA VAL E 34 13.85 9.64 8.96
C VAL E 34 14.15 8.17 9.23
N LYS E 35 14.46 7.43 8.17
CA LYS E 35 14.78 6.01 8.27
C LYS E 35 16.28 5.81 8.09
N LEU E 36 16.92 5.26 9.11
CA LEU E 36 18.35 4.99 9.11
C LEU E 36 18.58 3.51 9.37
N LEU E 37 19.33 2.85 8.49
CA LEU E 37 19.65 1.44 8.63
C LEU E 37 21.07 1.33 9.18
N LEU E 38 21.20 0.82 10.40
CA LEU E 38 22.49 0.73 11.06
C LEU E 38 23.15 -0.60 10.71
N LEU E 39 24.36 -0.54 10.17
CA LEU E 39 25.10 -1.73 9.75
C LEU E 39 26.54 -1.61 10.21
N GLY E 40 27.20 -2.76 10.30
CA GLY E 40 28.59 -2.80 10.70
C GLY E 40 28.99 -4.22 11.05
N ALA E 41 30.30 -4.39 11.21
CA ALA E 41 30.85 -5.69 11.58
C ALA E 41 30.75 -5.90 13.09
N GLY E 42 31.21 -7.06 13.55
CA GLY E 42 31.21 -7.37 14.97
C GLY E 42 32.14 -6.45 15.75
N GLU E 43 31.63 -5.91 16.86
CA GLU E 43 32.38 -5.00 17.73
C GLU E 43 32.90 -3.79 16.96
N SER E 44 32.15 -3.35 15.95
CA SER E 44 32.56 -2.20 15.16
C SER E 44 32.35 -0.88 15.92
N GLY E 45 31.36 -0.82 16.80
CA GLY E 45 31.09 0.39 17.54
C GLY E 45 29.66 0.85 17.40
N LYS E 46 28.76 -0.04 16.99
CA LYS E 46 27.35 0.31 16.87
C LYS E 46 26.74 0.62 18.23
N SER E 47 27.18 -0.11 19.27
CA SER E 47 26.63 0.10 20.60
C SER E 47 26.91 1.51 21.11
N THR E 48 28.15 1.98 20.99
CA THR E 48 28.46 3.33 21.46
C THR E 48 27.75 4.37 20.61
N ILE E 49 27.53 4.08 19.33
CA ILE E 49 26.81 5.02 18.47
C ILE E 49 25.36 5.16 18.93
N VAL E 50 24.69 4.03 19.17
CA VAL E 50 23.30 4.13 19.61
C VAL E 50 23.21 4.74 21.00
N LYS E 51 24.21 4.50 21.85
CA LYS E 51 24.24 5.19 23.14
C LYS E 51 24.36 6.70 22.97
N GLN E 52 25.24 7.15 22.06
CA GLN E 52 25.37 8.58 21.82
C GLN E 52 24.07 9.18 21.30
N MET E 53 23.40 8.48 20.38
CA MET E 53 22.13 9.00 19.85
C MET E 53 21.05 9.01 20.92
N LYS E 54 21.04 8.01 21.81
CA LYS E 54 20.09 8.03 22.92
C LYS E 54 20.35 9.20 23.85
N ILE E 55 21.62 9.49 24.12
CA ILE E 55 21.97 10.62 25.00
C ILE E 55 21.48 11.93 24.38
N ILE E 56 21.75 12.13 23.08
CA ILE E 56 21.31 13.32 22.39
C ILE E 56 20.51 12.94 21.14
N GLY E 183 16.11 -9.94 17.45
CA GLY E 183 15.62 -9.67 16.11
C GLY E 183 16.16 -8.39 15.52
N ILE E 184 15.34 -7.35 15.50
CA ILE E 184 15.73 -6.04 15.03
C ILE E 184 15.46 -5.02 16.12
N VAL E 185 16.42 -4.14 16.36
CA VAL E 185 16.34 -3.13 17.42
C VAL E 185 15.99 -1.80 16.78
N GLU E 186 14.93 -1.16 17.28
CA GLU E 186 14.51 0.15 16.78
C GLU E 186 14.82 1.20 17.83
N THR E 187 15.54 2.24 17.42
CA THR E 187 15.91 3.34 18.30
C THR E 187 15.32 4.63 17.74
N HIS E 188 14.44 5.26 18.51
CA HIS E 188 13.77 6.49 18.12
C HIS E 188 14.33 7.64 18.94
N PHE E 189 14.69 8.74 18.28
CA PHE E 189 15.13 9.93 18.98
C PHE E 189 14.77 11.16 18.14
N THR E 190 15.08 12.34 18.69
CA THR E 190 14.72 13.60 18.08
C THR E 190 15.93 14.52 18.01
N PHE E 191 15.99 15.34 16.96
CA PHE E 191 17.03 16.35 16.84
C PHE E 191 16.58 17.42 15.87
N LYS E 192 16.58 18.67 16.32
CA LYS E 192 16.23 19.83 15.50
C LYS E 192 14.91 19.62 14.76
N ASP E 193 13.89 19.20 15.51
CA ASP E 193 12.55 18.98 14.99
C ASP E 193 12.51 17.93 13.89
N LEU E 194 13.43 16.98 13.93
CA LEU E 194 13.37 15.80 13.08
C LEU E 194 13.37 14.54 13.95
N HIS E 195 12.53 13.58 13.57
CA HIS E 195 12.41 12.32 14.27
C HIS E 195 13.21 11.27 13.51
N PHE E 196 14.13 10.61 14.20
CA PHE E 196 15.03 9.64 13.61
C PHE E 196 14.75 8.26 14.17
N LYS E 197 14.61 7.27 13.30
CA LYS E 197 14.52 5.87 13.66
C LYS E 197 15.72 5.12 13.08
N MET E 198 16.48 4.46 13.94
CA MET E 198 17.57 3.58 13.53
C MET E 198 17.11 2.14 13.69
N PHE E 199 17.32 1.34 12.64
CA PHE E 199 16.97 -0.08 12.63
C PHE E 199 18.28 -0.87 12.63
N ASP E 200 18.71 -1.29 13.82
CA ASP E 200 19.89 -2.13 13.97
C ASP E 200 19.45 -3.59 13.78
N VAL E 201 19.82 -4.17 12.64
CA VAL E 201 19.51 -5.58 12.41
C VAL E 201 20.26 -6.46 13.40
N GLY E 202 21.54 -6.15 13.64
CA GLY E 202 22.31 -6.76 14.70
C GLY E 202 22.27 -8.27 14.75
N GLY E 203 21.66 -8.81 15.79
CA GLY E 203 21.56 -10.24 15.98
C GLY E 203 20.54 -10.91 15.08
N GLN E 204 20.68 -10.72 13.78
CA GLN E 204 19.86 -11.39 12.78
C GLN E 204 20.77 -12.42 12.09
N ARG E 205 20.87 -13.60 12.69
CA ARG E 205 21.77 -14.64 12.21
C ARG E 205 21.09 -15.39 11.07
N SER E 206 21.03 -14.71 9.93
CA SER E 206 20.53 -15.30 8.69
C SER E 206 21.22 -14.61 7.53
N GLU E 207 21.37 -15.34 6.42
CA GLU E 207 22.05 -14.77 5.28
C GLU E 207 21.22 -13.64 4.69
N ARG E 208 21.88 -12.54 4.34
CA ARG E 208 21.25 -11.23 4.33
C ARG E 208 20.34 -11.00 3.13
N LYS E 209 20.60 -11.66 2.00
CA LYS E 209 19.94 -11.26 0.77
C LYS E 209 18.44 -11.56 0.76
N LYS E 210 17.93 -12.34 1.73
CA LYS E 210 16.50 -12.64 1.75
C LYS E 210 15.67 -11.59 2.46
N TRP E 211 16.29 -10.66 3.18
CA TRP E 211 15.52 -9.63 3.89
C TRP E 211 16.12 -8.23 3.78
N ILE E 212 17.21 -8.04 3.04
CA ILE E 212 17.77 -6.70 2.91
C ILE E 212 16.85 -5.81 2.09
N HIS E 213 16.10 -6.38 1.15
CA HIS E 213 15.19 -5.59 0.33
C HIS E 213 14.08 -4.96 1.16
N CYS E 214 13.84 -5.45 2.37
CA CYS E 214 12.88 -4.82 3.25
C CYS E 214 13.31 -3.42 3.67
N PHE E 215 14.61 -3.14 3.61
CA PHE E 215 15.14 -1.85 4.01
C PHE E 215 15.40 -0.93 2.83
N GLU E 216 14.97 -1.31 1.63
CA GLU E 216 15.06 -0.42 0.49
C GLU E 216 14.14 0.77 0.70
N GLY E 217 14.67 1.98 0.48
CA GLY E 217 13.91 3.19 0.69
C GLY E 217 14.21 3.92 1.98
N VAL E 218 15.12 3.41 2.81
CA VAL E 218 15.52 4.13 4.01
C VAL E 218 16.22 5.43 3.61
N THR E 219 16.13 6.42 4.49
CA THR E 219 16.76 7.71 4.20
C THR E 219 18.27 7.57 4.10
N ALA E 220 18.88 6.80 5.00
CA ALA E 220 20.33 6.65 4.94
C ALA E 220 20.74 5.31 5.57
N ILE E 221 21.97 4.90 5.26
CA ILE E 221 22.56 3.70 5.83
C ILE E 221 23.77 4.13 6.64
N ILE E 222 23.70 3.97 7.96
CA ILE E 222 24.79 4.33 8.85
C ILE E 222 25.68 3.11 9.01
N PHE E 223 26.86 3.14 8.39
CA PHE E 223 27.79 2.02 8.38
C PHE E 223 28.94 2.35 9.33
N CYS E 224 29.05 1.60 10.42
CA CYS E 224 30.06 1.85 11.45
C CYS E 224 31.16 0.81 11.37
N VAL E 225 32.41 1.27 11.38
CA VAL E 225 33.58 0.39 11.40
C VAL E 225 34.59 0.94 12.38
N ALA E 226 35.31 0.05 13.06
CA ALA E 226 36.31 0.44 14.04
C ALA E 226 37.68 0.51 13.39
N LEU E 227 38.37 1.63 13.61
CA LEU E 227 39.71 1.79 13.04
C LEU E 227 40.69 0.78 13.64
N SER E 228 40.59 0.54 14.94
CA SER E 228 41.53 -0.36 15.61
C SER E 228 41.45 -1.79 15.10
N ASP E 229 40.41 -2.12 14.34
CA ASP E 229 40.27 -3.42 13.70
C ASP E 229 41.28 -3.62 12.57
N TYR E 230 42.07 -2.60 12.22
CA TYR E 230 42.97 -2.73 11.08
C TYR E 230 44.05 -3.79 11.29
N ASP E 231 44.30 -4.21 12.51
CA ASP E 231 45.35 -5.20 12.80
C ASP E 231 44.85 -6.32 13.70
N LEU E 232 43.56 -6.64 13.60
CA LEU E 232 42.96 -7.72 14.37
C LEU E 232 42.44 -8.77 13.40
N VAL E 233 42.76 -10.04 13.65
CA VAL E 233 42.52 -11.10 12.69
C VAL E 233 41.47 -12.11 13.14
N LEU E 234 41.05 -12.10 14.41
CA LEU E 234 40.06 -13.06 14.88
C LEU E 234 38.69 -12.62 14.35
N ALA E 235 38.43 -12.94 13.09
CA ALA E 235 37.16 -12.56 12.47
C ALA E 235 36.02 -13.41 13.01
N GLU E 236 36.24 -14.72 13.16
CA GLU E 236 35.18 -15.62 13.59
C GLU E 236 35.76 -16.81 14.35
N GLU E 238 39.25 -15.81 12.21
CA GLU E 238 40.11 -16.90 11.75
C GLU E 238 41.54 -16.42 11.54
N GLU E 239 41.95 -16.29 10.28
CA GLU E 239 43.29 -15.85 9.93
C GLU E 239 43.21 -14.76 8.86
N MET E 240 42.32 -13.80 9.06
CA MET E 240 42.19 -12.66 8.17
C MET E 240 41.66 -11.47 8.96
N ASN E 241 42.02 -10.27 8.51
CA ASN E 241 41.70 -9.06 9.24
C ASN E 241 40.19 -8.84 9.28
N ARG E 242 39.70 -8.40 10.44
CA ARG E 242 38.32 -7.91 10.52
C ARG E 242 38.14 -6.65 9.69
N MET E 243 39.24 -5.94 9.44
CA MET E 243 39.20 -4.74 8.62
C MET E 243 38.80 -5.08 7.19
N HIS E 244 39.36 -6.16 6.63
CA HIS E 244 39.00 -6.59 5.29
C HIS E 244 37.57 -7.13 5.24
N GLU E 245 37.14 -7.82 6.29
CA GLU E 245 35.75 -8.28 6.35
C GLU E 245 34.79 -7.10 6.37
N SER E 246 35.13 -6.05 7.12
CA SER E 246 34.31 -4.85 7.12
C SER E 246 34.31 -4.19 5.74
N MET E 247 35.46 -4.21 5.06
CA MET E 247 35.52 -3.68 3.70
C MET E 247 34.62 -4.46 2.76
N LYS E 248 34.64 -5.79 2.84
CA LYS E 248 33.79 -6.59 1.98
C LYS E 248 32.32 -6.37 2.29
N LEU E 249 31.97 -6.26 3.57
CA LEU E 249 30.58 -5.97 3.93
C LEU E 249 30.15 -4.61 3.40
N PHE E 250 31.03 -3.61 3.51
CA PHE E 250 30.73 -2.28 2.99
C PHE E 250 30.58 -2.30 1.47
N ASP E 251 31.42 -3.08 0.78
CA ASP E 251 31.30 -3.21 -0.66
C ASP E 251 29.98 -3.87 -1.04
N SER E 252 29.58 -4.90 -0.29
CA SER E 252 28.31 -5.57 -0.58
C SER E 252 27.13 -4.64 -0.35
N ILE E 253 27.15 -3.87 0.74
CA ILE E 253 26.02 -3.01 1.07
C ILE E 253 25.96 -1.83 0.10
N CYS E 254 27.10 -1.17 -0.13
CA CYS E 254 27.10 0.04 -0.95
C CYS E 254 26.74 -0.28 -2.40
N ASN E 255 27.29 -1.37 -2.94
CA ASN E 255 27.05 -1.76 -4.33
C ASN E 255 25.87 -2.71 -4.47
N ASN E 256 25.04 -2.82 -3.44
CA ASN E 256 23.86 -3.67 -3.51
C ASN E 256 22.88 -3.13 -4.54
N LYS E 257 22.14 -4.04 -5.16
CA LYS E 257 21.18 -3.66 -6.18
C LYS E 257 20.03 -2.83 -5.63
N TRP E 258 19.77 -2.91 -4.33
CA TRP E 258 18.68 -2.15 -3.70
C TRP E 258 19.13 -0.76 -3.29
N PHE E 259 20.33 -0.63 -2.75
CA PHE E 259 20.84 0.66 -2.27
C PHE E 259 21.67 1.37 -3.34
N THR E 260 21.09 1.55 -4.52
CA THR E 260 21.79 2.26 -5.59
C THR E 260 21.81 3.76 -5.36
N ASP E 261 20.76 4.32 -4.77
CA ASP E 261 20.67 5.74 -4.50
C ASP E 261 20.71 6.10 -3.02
N THR E 262 20.56 5.13 -2.13
CA THR E 262 20.62 5.40 -0.70
C THR E 262 22.03 5.79 -0.30
N SER E 263 22.15 6.88 0.47
CA SER E 263 23.45 7.41 0.86
C SER E 263 23.96 6.71 2.11
N ILE E 264 25.29 6.59 2.19
CA ILE E 264 25.95 5.93 3.31
C ILE E 264 26.61 6.98 4.19
N ILE E 265 26.40 6.87 5.49
CA ILE E 265 27.08 7.68 6.49
C ILE E 265 28.12 6.76 7.13
N LEU E 266 29.39 7.01 6.81
CA LEU E 266 30.47 6.15 7.27
C LEU E 266 31.01 6.66 8.59
N PHE E 267 30.93 5.83 9.63
CA PHE E 267 31.45 6.14 10.95
C PHE E 267 32.74 5.37 11.17
N LEU E 268 33.80 6.08 11.50
CA LEU E 268 35.12 5.51 11.78
C LEU E 268 35.36 5.66 13.27
N ASN E 269 34.93 4.66 14.03
CA ASN E 269 34.95 4.75 15.49
C ASN E 269 36.33 4.44 16.04
N LYS E 270 36.49 4.67 17.34
CA LYS E 270 37.70 4.31 18.08
C LYS E 270 38.93 5.02 17.52
N LYS E 271 38.79 6.32 17.23
CA LYS E 271 39.93 7.10 16.75
C LYS E 271 40.96 7.30 17.86
N ASP E 272 40.51 7.44 19.11
CA ASP E 272 41.43 7.68 20.21
C ASP E 272 42.32 6.48 20.48
N LEU E 273 41.78 5.27 20.39
CA LEU E 273 42.59 4.07 20.59
C LEU E 273 43.42 3.74 19.35
N PHE E 274 42.90 4.06 18.16
CA PHE E 274 43.70 3.93 16.95
C PHE E 274 44.91 4.85 17.00
N GLU E 275 44.76 6.03 17.61
CA GLU E 275 45.87 6.96 17.79
C GLU E 275 47.08 6.28 18.44
N GLU E 276 46.85 5.56 19.53
CA GLU E 276 47.94 4.90 20.23
C GLU E 276 48.30 3.55 19.65
N LYS E 277 47.38 2.90 18.92
CA LYS E 277 47.71 1.62 18.32
C LYS E 277 48.58 1.77 17.08
N ILE E 278 48.41 2.88 16.33
CA ILE E 278 49.20 3.07 15.12
C ILE E 278 50.67 3.30 15.42
N LYS E 279 51.01 3.74 16.64
CA LYS E 279 52.39 4.02 16.99
C LYS E 279 53.23 2.77 17.26
N LYS E 280 52.59 1.61 17.38
CA LYS E 280 53.30 0.35 17.62
C LYS E 280 53.18 -0.61 16.46
N SER E 281 51.96 -0.82 15.94
CA SER E 281 51.76 -1.68 14.79
C SER E 281 51.47 -0.82 13.58
N PRO E 282 52.36 -0.77 12.59
CA PRO E 282 52.13 0.07 11.42
C PRO E 282 50.93 -0.39 10.61
N LEU E 283 50.44 0.51 9.76
CA LEU E 283 49.27 0.22 8.94
C LEU E 283 49.55 -0.86 7.90
N THR E 284 50.83 -1.18 7.66
CA THR E 284 51.17 -2.19 6.66
C THR E 284 50.66 -3.57 7.03
N ILE E 285 50.26 -3.79 8.29
CA ILE E 285 49.64 -5.05 8.67
C ILE E 285 48.33 -5.25 7.91
N CYS E 286 47.65 -4.14 7.59
CA CYS E 286 46.42 -4.22 6.82
C CYS E 286 46.65 -4.00 5.32
N TYR E 287 47.37 -2.94 4.95
CA TYR E 287 47.63 -2.62 3.55
C TYR E 287 49.10 -2.86 3.24
N PRO E 288 49.44 -3.93 2.53
CA PRO E 288 50.85 -4.14 2.17
C PRO E 288 51.42 -3.05 1.28
N GLU E 289 50.58 -2.32 0.56
CA GLU E 289 51.03 -1.30 -0.38
C GLU E 289 51.11 0.09 0.24
N TYR E 290 50.90 0.22 1.54
CA TYR E 290 50.97 1.51 2.20
C TYR E 290 52.43 1.96 2.31
N ALA E 291 52.70 3.17 1.84
CA ALA E 291 54.06 3.71 1.84
C ALA E 291 54.20 5.02 2.59
N GLY E 292 53.11 5.58 3.10
CA GLY E 292 53.17 6.84 3.81
C GLY E 292 53.70 6.67 5.22
N SER E 293 53.89 7.81 5.89
CA SER E 293 54.42 7.83 7.23
C SER E 293 53.37 7.29 8.22
N ASN E 294 53.86 6.79 9.36
CA ASN E 294 53.00 6.25 10.40
C ASN E 294 52.42 7.39 11.23
N THR E 295 51.53 8.14 10.58
CA THR E 295 50.88 9.29 11.18
C THR E 295 49.37 9.05 11.19
N TYR E 296 48.69 9.56 12.22
CA TYR E 296 47.25 9.32 12.35
C TYR E 296 46.49 9.93 11.18
N GLU E 297 46.78 11.18 10.85
CA GLU E 297 45.99 11.88 9.82
C GLU E 297 46.16 11.23 8.46
N GLU E 298 47.40 10.96 8.05
CA GLU E 298 47.64 10.41 6.73
C GLU E 298 47.06 9.00 6.59
N ALA E 299 47.28 8.15 7.59
CA ALA E 299 46.76 6.79 7.52
C ALA E 299 45.24 6.77 7.60
N ALA E 300 44.66 7.64 8.42
CA ALA E 300 43.20 7.73 8.49
C ALA E 300 42.60 8.19 7.17
N ALA E 301 43.26 9.17 6.53
CA ALA E 301 42.82 9.60 5.21
C ALA E 301 42.94 8.46 4.20
N TYR E 302 44.00 7.66 4.32
CA TYR E 302 44.16 6.50 3.44
C TYR E 302 43.02 5.52 3.63
N ILE E 303 42.65 5.23 4.88
CA ILE E 303 41.55 4.31 5.16
C ILE E 303 40.24 4.85 4.61
N GLN E 304 39.99 6.15 4.79
CA GLN E 304 38.79 6.75 4.23
C GLN E 304 38.77 6.64 2.72
N CYS E 305 39.93 6.85 2.08
N CYS E 305 39.93 6.85 2.08
CA CYS E 305 40.01 6.74 0.62
CA CYS E 305 40.00 6.74 0.62
C CYS E 305 39.73 5.31 0.16
C CYS E 305 39.73 5.31 0.16
N GLN E 306 40.25 4.32 0.89
CA GLN E 306 39.98 2.93 0.54
C GLN E 306 38.50 2.60 0.67
N PHE E 307 37.84 3.12 1.70
CA PHE E 307 36.41 2.87 1.82
C PHE E 307 35.61 3.60 0.73
N GLU E 308 36.04 4.81 0.35
CA GLU E 308 35.29 5.54 -0.66
C GLU E 308 35.52 4.97 -2.06
N ASP E 309 36.68 4.34 -2.29
CA ASP E 309 36.93 3.73 -3.59
C ASP E 309 36.06 2.50 -3.84
N LEU E 310 35.55 1.87 -2.78
CA LEU E 310 34.65 0.74 -2.93
C LEU E 310 33.30 1.14 -3.52
N ASN E 311 33.01 2.43 -3.58
CA ASN E 311 31.75 2.91 -4.14
C ASN E 311 31.84 2.89 -5.67
N LYS E 312 30.95 2.13 -6.30
CA LYS E 312 30.84 2.13 -7.76
C LYS E 312 29.75 3.07 -8.27
N ARG E 313 28.80 3.44 -7.42
CA ARG E 313 27.74 4.37 -7.80
C ARG E 313 28.11 5.80 -7.43
N LYS E 314 29.22 6.26 -8.01
CA LYS E 314 29.74 7.59 -7.68
C LYS E 314 28.75 8.68 -8.07
N ASP E 315 27.93 8.44 -9.10
CA ASP E 315 27.04 9.48 -9.59
C ASP E 315 25.67 9.47 -8.91
N THR E 316 25.20 8.32 -8.44
CA THR E 316 23.87 8.24 -7.86
C THR E 316 23.84 8.36 -6.34
N LYS E 317 24.97 8.16 -5.66
CA LYS E 317 24.98 8.16 -4.21
C LYS E 317 26.27 8.80 -3.71
N GLU E 318 26.20 9.32 -2.48
CA GLU E 318 27.31 10.01 -1.85
C GLU E 318 27.59 9.39 -0.49
N ILE E 319 28.86 9.43 -0.09
CA ILE E 319 29.32 8.82 1.15
C ILE E 319 29.79 9.93 2.08
N TYR E 320 29.23 9.98 3.28
CA TYR E 320 29.60 10.96 4.30
C TYR E 320 30.42 10.25 5.37
N THR E 321 31.60 10.79 5.67
CA THR E 321 32.52 10.19 6.62
C THR E 321 32.69 11.11 7.82
N HIS E 322 32.60 10.54 9.02
CA HIS E 322 32.84 11.28 10.26
C HIS E 322 33.80 10.47 11.12
N PHE E 323 34.67 11.17 11.83
CA PHE E 323 35.73 10.54 12.63
C PHE E 323 35.32 10.66 14.09
N THR E 324 34.71 9.61 14.62
CA THR E 324 34.15 9.67 15.96
C THR E 324 35.08 8.98 16.97
N CYS E 325 34.81 9.25 18.24
CA CYS E 325 35.55 8.66 19.35
C CYS E 325 34.57 8.15 20.40
N ALA E 326 35.10 7.70 21.55
CA ALA E 326 34.23 7.23 22.61
C ALA E 326 33.59 8.37 23.39
N THR E 327 34.21 9.55 23.41
CA THR E 327 33.80 10.65 24.27
C THR E 327 33.57 11.93 23.46
N ASP E 328 32.82 11.81 22.36
CA ASP E 328 32.44 12.98 21.58
C ASP E 328 30.92 13.02 21.44
N THR E 329 30.38 14.24 21.32
CA THR E 329 28.94 14.45 21.29
C THR E 329 28.47 15.11 19.99
N LYS E 330 29.32 15.19 18.97
CA LYS E 330 28.94 15.80 17.70
C LYS E 330 28.44 14.78 16.68
N ASN E 331 28.31 13.51 17.06
CA ASN E 331 27.89 12.49 16.10
C ASN E 331 26.46 12.72 15.64
N VAL E 332 25.57 13.06 16.58
CA VAL E 332 24.17 13.30 16.22
C VAL E 332 24.05 14.54 15.34
N GLN E 333 24.88 15.56 15.58
CA GLN E 333 24.89 16.73 14.71
C GLN E 333 25.34 16.35 13.30
N PHE E 334 26.35 15.48 13.18
CA PHE E 334 26.79 15.05 11.86
C PHE E 334 25.71 14.26 11.16
N VAL E 335 24.99 13.39 11.88
CA VAL E 335 23.90 12.66 11.27
C VAL E 335 22.80 13.60 10.83
N PHE E 336 22.50 14.61 11.64
CA PHE E 336 21.53 15.63 11.26
C PHE E 336 21.94 16.33 9.96
N ASP E 337 23.22 16.71 9.87
CA ASP E 337 23.70 17.40 8.67
C ASP E 337 23.62 16.49 7.44
N ALA E 338 24.05 15.24 7.58
CA ALA E 338 24.00 14.32 6.45
C ALA E 338 22.57 14.06 6.00
N VAL E 339 21.65 13.89 6.96
CA VAL E 339 20.25 13.67 6.59
C VAL E 339 19.66 14.90 5.93
N THR E 340 20.04 16.09 6.40
CA THR E 340 19.56 17.33 5.76
C THR E 340 20.07 17.42 4.33
N ASP E 341 21.33 17.08 4.10
CA ASP E 341 21.87 17.10 2.75
C ASP E 341 21.16 16.09 1.86
N VAL E 342 20.89 14.90 2.38
CA VAL E 342 20.16 13.88 1.61
C VAL E 342 18.76 14.38 1.28
N ILE E 343 18.11 15.04 2.24
CA ILE E 343 16.76 15.57 1.99
C ILE E 343 16.80 16.64 0.91
N ILE E 344 17.80 17.52 0.97
CA ILE E 344 17.92 18.56 -0.05
C ILE E 344 18.14 17.93 -1.43
N LYS E 345 19.01 16.93 -1.50
CA LYS E 345 19.27 16.27 -2.78
C LYS E 345 18.03 15.56 -3.31
N ASN E 346 17.28 14.90 -2.42
CA ASN E 346 16.05 14.25 -2.84
C ASN E 346 15.01 15.25 -3.31
N ASN E 347 14.92 16.40 -2.64
CA ASN E 347 14.00 17.44 -3.08
C ASN E 347 14.38 17.98 -4.44
N LEU E 348 15.68 18.17 -4.68
CA LEU E 348 16.15 18.62 -5.98
C LEU E 348 15.83 17.59 -7.06
N LYS E 349 15.98 16.31 -6.74
CA LYS E 349 15.58 15.27 -7.67
C LYS E 349 14.07 15.32 -7.96
N ASP E 350 13.27 15.52 -6.92
CA ASP E 350 11.82 15.58 -7.10
C ASP E 350 11.42 16.76 -7.98
N CYS E 351 12.04 17.93 -7.76
CA CYS E 351 11.76 19.10 -8.58
C CYS E 351 12.33 18.99 -9.99
N GLY E 352 13.18 18.00 -10.25
CA GLY E 352 13.84 17.88 -11.53
C GLY E 352 15.05 18.78 -11.69
N LEU E 353 15.48 19.46 -10.64
CA LEU E 353 16.63 20.35 -10.71
C LEU E 353 17.95 19.64 -10.47
N PHE E 354 17.92 18.35 -10.16
CA PHE E 354 19.14 17.59 -9.91
C PHE E 354 19.42 16.62 -11.04
P22 J89 F . -0.51 40.22 -41.27
C01 J89 F . 1.34 36.66 -21.25
C02 J89 F . 1.95 36.24 -22.62
C03 J89 F . 1.07 36.67 -23.82
C04 J89 F . 1.92 37.43 -24.86
C05 J89 F . 1.13 37.75 -26.17
C06 J89 F . 2.06 38.23 -27.33
C07 J89 F . 1.32 38.12 -28.70
C08 J89 F . 1.88 39.15 -29.69
C09 J89 F . 1.61 38.81 -31.19
C10 J89 F . 0.67 37.90 -31.54
C11 J89 F . 0.48 37.64 -32.89
C12 J89 F . 1.20 38.28 -33.89
C13 J89 F . 2.15 39.18 -33.53
C14 J89 F . 2.34 39.44 -32.18
C15 J89 F . 0.92 37.91 -35.35
C16 J89 F . 1.16 38.95 -36.47
C17 J89 F . 0.38 38.60 -37.79
C18 J89 F . 0.75 37.18 -38.11
O19 J89 F . -0.11 36.38 -37.29
C20 J89 F . 0.65 39.53 -38.96
O21 J89 F . -0.54 39.84 -39.65
O23 J89 F . 0.48 41.32 -41.67
O24 J89 F . -1.89 40.66 -41.75
O25 J89 F . -0.11 38.97 -42.00
N26 J89 F . -1.02 38.58 -37.57
#